data_8R0I
#
_entry.id   8R0I
#
_cell.length_a   101.018
_cell.length_b   103.667
_cell.length_c   141.315
_cell.angle_alpha   90.000
_cell.angle_beta   90.000
_cell.angle_gamma   90.000
#
_symmetry.space_group_name_H-M   'C 2 2 21'
#
loop_
_entity.id
_entity.type
_entity.pdbx_description
1 polymer '3-oxoacyl-[acyl-carrier-protein] synthase 2'
2 non-polymer 'FORMIC ACID'
3 non-polymer 3-azanyl-N-(1,5-dimethyl-3-oxidanylidene-2-phenyl-pyrazol-4-yl)benzamide
4 non-polymer 1,2-ETHANEDIOL
5 non-polymer 'DIMETHYL SULFOXIDE'
6 water water
#
_entity_poly.entity_id   1
_entity_poly.type   'polypeptide(L)'
_entity_poly.pdbx_seq_one_letter_code
;GHMASMSRRRVVITGMGMLSPLGLDVPSSWEGILAGRSGIAPIEHMDLSAYSTRFGGSVKGFNVEEYLSAKEARKLDLFI
QYGLAASFQAVRDSGLEVTDANRERIGVSMGSGIGGLTNIENNCRSLFEQGPRRISPFFVPGSIINMVSGFLSIHLGLQG
PNYALTTAATTGTHSIGMAARNIAYGEADVMVAGGSEMAACGLGLGGFGAARALSTRNDEPTRASRPWDRDRDGFVLSDG
SGALVLEELEHARARGARIYAELVGFGMSGDAFHMTAPPEDGAGAARCMKNALRDAGLDPRQVDYINAHGTSTPAGDIAE
IAAVKSVFGEHAHALSMSSTKSMTGHLLGAAGAVEAIFSVLALRDQVAPPTINLDNPDEGCDLDLVAHEAKPRKIDVALS
NSFGFGGTNGTLVFRRFAD
;
_entity_poly.pdbx_strand_id   A,B
#
loop_
_chem_comp.id
_chem_comp.type
_chem_comp.name
_chem_comp.formula
DMS non-polymer 'DIMETHYL SULFOXIDE' 'C2 H6 O S'
EDO non-polymer 1,2-ETHANEDIOL 'C2 H6 O2'
FMT non-polymer 'FORMIC ACID' 'C H2 O2'
XG7 non-polymer 3-azanyl-N-(1,5-dimethyl-3-oxidanylidene-2-phenyl-pyrazol-4-yl)benzamide 'C18 H18 N4 O2'
#
# COMPACT_ATOMS: atom_id res chain seq x y z
N SER A 7 17.11 -18.75 -37.73
CA SER A 7 15.90 -18.96 -38.57
C SER A 7 15.90 -18.03 -39.79
N ARG A 8 15.13 -18.41 -40.82
CA ARG A 8 14.57 -17.45 -41.77
C ARG A 8 13.03 -17.40 -41.67
N ARG A 9 12.40 -17.91 -40.57
CA ARG A 9 10.96 -18.17 -40.60
C ARG A 9 10.26 -16.96 -39.97
N ARG A 10 9.43 -16.33 -40.77
CA ARG A 10 8.73 -15.12 -40.38
C ARG A 10 7.41 -15.54 -39.76
N VAL A 11 6.93 -14.72 -38.80
CA VAL A 11 5.74 -15.00 -38.05
C VAL A 11 4.77 -13.86 -38.21
N VAL A 12 3.56 -14.21 -38.57
CA VAL A 12 2.54 -13.19 -38.79
C VAL A 12 1.31 -13.53 -37.98
N ILE A 13 0.46 -12.52 -37.76
CA ILE A 13 -0.78 -12.67 -37.04
C ILE A 13 -1.95 -12.77 -38.02
N THR A 14 -2.70 -13.87 -37.97
CA THR A 14 -3.78 -14.15 -38.91
C THR A 14 -5.15 -14.17 -38.25
N GLY A 15 -5.22 -14.08 -36.91
CA GLY A 15 -6.51 -14.26 -36.25
C GLY A 15 -6.42 -13.73 -34.81
N MET A 16 -7.45 -13.04 -34.33
CA MET A 16 -7.43 -12.49 -32.99
C MET A 16 -8.79 -12.64 -32.33
N GLY A 17 -8.79 -12.77 -30.98
CA GLY A 17 -10.00 -13.00 -30.24
C GLY A 17 -9.82 -12.43 -28.84
N MET A 18 -10.92 -12.01 -28.23
CA MET A 18 -10.79 -11.28 -26.98
C MET A 18 -12.11 -11.30 -26.21
N LEU A 19 -12.03 -11.35 -24.87
CA LEU A 19 -13.06 -10.84 -23.98
C LEU A 19 -12.40 -9.79 -23.09
N SER A 20 -13.06 -8.65 -22.94
CA SER A 20 -12.50 -7.57 -22.12
C SER A 20 -13.62 -6.82 -21.44
N PRO A 21 -13.27 -5.92 -20.54
CA PRO A 21 -14.31 -5.08 -19.94
C PRO A 21 -14.99 -4.12 -20.93
N LEU A 22 -14.46 -3.99 -22.15
CA LEU A 22 -15.02 -3.09 -23.16
C LEU A 22 -15.84 -3.86 -24.18
N GLY A 23 -15.81 -5.19 -24.19
CA GLY A 23 -16.55 -5.91 -25.21
C GLY A 23 -16.33 -7.41 -25.16
N LEU A 24 -17.20 -8.16 -25.84
CA LEU A 24 -17.15 -9.60 -25.90
C LEU A 24 -16.42 -10.15 -27.11
N ASP A 25 -15.72 -9.28 -27.85
CA ASP A 25 -14.97 -9.63 -29.03
C ASP A 25 -14.05 -8.46 -29.35
N VAL A 26 -13.17 -8.65 -30.33
CA VAL A 26 -12.15 -7.67 -30.65
C VAL A 26 -12.79 -6.39 -31.22
N PRO A 27 -13.68 -6.44 -32.21
N PRO A 27 -13.68 -6.44 -32.23
CA PRO A 27 -14.19 -5.18 -32.79
CA PRO A 27 -14.20 -5.19 -32.80
C PRO A 27 -14.93 -4.32 -31.76
C PRO A 27 -14.92 -4.33 -31.75
N SER A 28 -15.73 -4.93 -30.87
CA SER A 28 -16.44 -4.18 -29.83
C SER A 28 -15.49 -3.55 -28.82
N SER A 29 -14.48 -4.32 -28.37
CA SER A 29 -13.45 -3.75 -27.51
C SER A 29 -12.67 -2.60 -28.16
N TRP A 30 -12.22 -2.78 -29.41
CA TRP A 30 -11.42 -1.77 -30.12
C TRP A 30 -12.23 -0.48 -30.35
N GLU A 31 -13.54 -0.64 -30.63
CA GLU A 31 -14.42 0.53 -30.76
C GLU A 31 -14.36 1.34 -29.47
N GLY A 32 -14.48 0.64 -28.33
CA GLY A 32 -14.41 1.26 -27.03
C GLY A 32 -13.07 1.96 -26.80
N ILE A 33 -11.97 1.28 -27.16
CA ILE A 33 -10.64 1.85 -27.00
C ILE A 33 -10.50 3.18 -27.73
N LEU A 34 -10.88 3.18 -29.01
CA LEU A 34 -10.72 4.37 -29.84
C LEU A 34 -11.70 5.48 -29.44
N ALA A 35 -12.76 5.15 -28.70
CA ALA A 35 -13.67 6.18 -28.22
C ALA A 35 -13.25 6.67 -26.83
N GLY A 36 -12.20 6.12 -26.21
CA GLY A 36 -11.86 6.55 -24.87
C GLY A 36 -12.85 6.09 -23.83
N ARG A 37 -13.58 5.00 -24.09
CA ARG A 37 -14.56 4.48 -23.16
C ARG A 37 -13.88 3.68 -22.05
N SER A 38 -14.35 3.88 -20.81
CA SER A 38 -13.95 3.10 -19.65
C SER A 38 -14.77 1.84 -19.56
N GLY A 39 -14.11 0.74 -19.22
CA GLY A 39 -14.77 -0.52 -18.95
C GLY A 39 -14.95 -0.79 -17.47
N ILE A 40 -14.68 0.19 -16.60
CA ILE A 40 -14.59 -0.03 -15.19
C ILE A 40 -15.92 0.35 -14.54
N ALA A 41 -16.40 -0.48 -13.65
CA ALA A 41 -17.70 -0.22 -13.00
C ALA A 41 -17.70 -0.90 -11.64
N PRO A 42 -18.60 -0.51 -10.69
CA PRO A 42 -18.81 -1.31 -9.48
C PRO A 42 -19.05 -2.76 -9.82
N ILE A 43 -18.45 -3.64 -9.00
CA ILE A 43 -18.53 -5.08 -9.23
C ILE A 43 -19.92 -5.55 -8.79
N GLU A 44 -20.55 -6.35 -9.65
CA GLU A 44 -21.95 -6.76 -9.48
C GLU A 44 -22.08 -8.18 -8.94
N HIS A 45 -21.10 -9.06 -9.24
CA HIS A 45 -21.24 -10.48 -9.01
C HIS A 45 -20.87 -10.88 -7.60
N MET A 46 -20.30 -9.99 -6.75
CA MET A 46 -20.22 -10.29 -5.33
C MET A 46 -20.45 -9.01 -4.54
N ASP A 47 -20.68 -9.19 -3.24
CA ASP A 47 -21.02 -8.13 -2.33
C ASP A 47 -19.70 -7.63 -1.74
N LEU A 48 -19.23 -6.48 -2.24
CA LEU A 48 -17.97 -5.93 -1.76
C LEU A 48 -18.17 -4.77 -0.79
N SER A 49 -19.37 -4.61 -0.18
CA SER A 49 -19.62 -3.45 0.66
C SER A 49 -18.66 -3.35 1.87
N ALA A 50 -18.04 -4.46 2.29
CA ALA A 50 -17.03 -4.47 3.33
C ALA A 50 -15.58 -4.31 2.85
N TYR A 51 -15.30 -4.14 1.55
CA TYR A 51 -13.95 -4.09 1.01
C TYR A 51 -13.60 -2.62 0.73
N SER A 52 -12.32 -2.34 0.56
CA SER A 52 -11.79 -1.02 0.29
C SER A 52 -11.84 -0.70 -1.20
N THR A 53 -11.90 -1.70 -2.07
CA THR A 53 -12.06 -1.50 -3.51
C THR A 53 -13.29 -2.29 -3.93
N ARG A 54 -14.28 -1.64 -4.57
CA ARG A 54 -15.54 -2.27 -4.90
C ARG A 54 -15.87 -2.13 -6.35
N PHE A 55 -14.87 -1.89 -7.21
CA PHE A 55 -15.09 -1.76 -8.61
C PHE A 55 -13.96 -2.48 -9.34
N GLY A 56 -14.16 -2.66 -10.62
CA GLY A 56 -13.12 -3.30 -11.45
C GLY A 56 -13.64 -3.44 -12.87
N GLY A 57 -12.90 -4.11 -13.73
CA GLY A 57 -13.32 -4.35 -15.07
C GLY A 57 -13.79 -5.78 -15.23
N SER A 58 -15.11 -5.95 -15.29
CA SER A 58 -15.73 -7.24 -15.52
C SER A 58 -16.02 -7.44 -16.97
N VAL A 59 -16.06 -8.71 -17.37
CA VAL A 59 -16.62 -9.05 -18.66
C VAL A 59 -18.15 -9.03 -18.47
N LYS A 60 -18.83 -8.30 -19.35
CA LYS A 60 -20.28 -8.08 -19.13
C LYS A 60 -21.09 -8.86 -20.15
N GLY A 61 -22.00 -9.72 -19.66
CA GLY A 61 -22.93 -10.47 -20.50
C GLY A 61 -22.29 -11.64 -21.23
N PHE A 62 -21.21 -12.20 -20.65
CA PHE A 62 -20.55 -13.32 -21.30
C PHE A 62 -21.51 -14.51 -21.29
N ASN A 63 -21.67 -15.14 -22.44
CA ASN A 63 -22.44 -16.36 -22.56
C ASN A 63 -21.51 -17.47 -23.01
N VAL A 64 -21.14 -18.32 -22.06
CA VAL A 64 -20.26 -19.46 -22.31
C VAL A 64 -20.93 -20.43 -23.26
N GLU A 65 -22.27 -20.39 -23.42
CA GLU A 65 -22.94 -21.39 -24.20
C GLU A 65 -22.86 -21.04 -25.68
N GLU A 66 -22.34 -19.86 -26.03
CA GLU A 66 -21.90 -19.61 -27.39
C GLU A 66 -20.71 -20.49 -27.78
N TYR A 67 -19.98 -21.04 -26.79
CA TYR A 67 -18.73 -21.74 -27.05
C TYR A 67 -18.79 -23.20 -26.61
N LEU A 68 -19.43 -23.45 -25.47
CA LEU A 68 -19.37 -24.72 -24.79
C LEU A 68 -20.79 -25.12 -24.37
N SER A 69 -21.01 -26.40 -24.25
CA SER A 69 -22.22 -26.88 -23.60
C SER A 69 -22.21 -26.47 -22.12
N ALA A 70 -23.38 -26.48 -21.52
CA ALA A 70 -23.51 -26.19 -20.10
C ALA A 70 -22.84 -27.29 -19.26
N LYS A 71 -22.85 -28.53 -19.79
CA LYS A 71 -22.19 -29.68 -19.18
C LYS A 71 -20.70 -29.33 -19.02
N GLU A 72 -20.02 -29.05 -20.16
CA GLU A 72 -18.58 -28.76 -20.22
C GLU A 72 -18.27 -27.57 -19.33
N ALA A 73 -19.06 -26.50 -19.43
CA ALA A 73 -18.75 -25.20 -18.88
C ALA A 73 -18.78 -25.23 -17.36
N ARG A 74 -19.78 -25.91 -16.76
CA ARG A 74 -19.92 -26.07 -15.31
C ARG A 74 -18.69 -26.68 -14.62
N LYS A 75 -17.89 -27.47 -15.33
CA LYS A 75 -16.66 -28.05 -14.85
C LYS A 75 -15.45 -27.09 -14.90
N LEU A 76 -15.52 -25.92 -15.53
CA LEU A 76 -14.34 -25.11 -15.83
C LEU A 76 -14.47 -23.80 -15.08
N ASP A 77 -13.39 -23.41 -14.40
CA ASP A 77 -13.28 -22.06 -13.87
C ASP A 77 -13.45 -21.02 -14.98
N LEU A 78 -14.03 -19.90 -14.59
CA LEU A 78 -14.23 -18.78 -15.50
C LEU A 78 -12.93 -18.41 -16.27
N PHE A 79 -11.73 -18.56 -15.68
CA PHE A 79 -10.56 -18.11 -16.46
C PHE A 79 -10.41 -19.07 -17.64
N ILE A 80 -10.76 -20.35 -17.46
CA ILE A 80 -10.70 -21.26 -18.59
C ILE A 80 -11.77 -20.94 -19.62
N GLN A 81 -12.99 -20.67 -19.15
CA GLN A 81 -14.06 -20.28 -20.04
C GLN A 81 -13.64 -19.11 -20.91
N TYR A 82 -12.99 -18.10 -20.27
CA TYR A 82 -12.63 -16.90 -21.00
C TYR A 82 -11.55 -17.18 -22.01
N GLY A 83 -10.56 -17.98 -21.56
CA GLY A 83 -9.46 -18.27 -22.48
C GLY A 83 -9.91 -19.05 -23.70
N LEU A 84 -10.79 -20.04 -23.48
CA LEU A 84 -11.36 -20.79 -24.60
C LEU A 84 -12.18 -19.88 -25.51
N ALA A 85 -12.99 -18.95 -24.95
CA ALA A 85 -13.74 -18.05 -25.81
C ALA A 85 -12.82 -17.23 -26.73
N ALA A 86 -11.76 -16.64 -26.14
CA ALA A 86 -10.84 -15.84 -26.96
C ALA A 86 -10.18 -16.75 -28.00
N SER A 87 -9.75 -17.98 -27.62
CA SER A 87 -9.03 -18.89 -28.49
C SER A 87 -9.96 -19.32 -29.66
N PHE A 88 -11.21 -19.65 -29.31
CA PHE A 88 -12.13 -20.05 -30.38
C PHE A 88 -12.39 -18.90 -31.34
N GLN A 89 -12.51 -17.67 -30.82
CA GLN A 89 -12.74 -16.49 -31.64
C GLN A 89 -11.54 -16.30 -32.57
N ALA A 90 -10.32 -16.38 -32.02
CA ALA A 90 -9.13 -16.21 -32.87
C ALA A 90 -9.05 -17.27 -33.99
N VAL A 91 -9.29 -18.54 -33.68
CA VAL A 91 -9.16 -19.60 -34.67
C VAL A 91 -10.19 -19.37 -35.81
N ARG A 92 -11.42 -19.03 -35.45
CA ARG A 92 -12.49 -18.71 -36.39
C ARG A 92 -12.08 -17.51 -37.24
N ASP A 93 -11.55 -16.46 -36.60
CA ASP A 93 -11.09 -15.27 -37.26
C ASP A 93 -10.00 -15.58 -38.27
N SER A 94 -9.11 -16.53 -37.99
CA SER A 94 -8.00 -16.87 -38.88
C SER A 94 -8.43 -17.54 -40.18
N GLY A 95 -9.58 -18.24 -40.14
CA GLY A 95 -10.11 -19.10 -41.20
C GLY A 95 -9.36 -20.40 -41.38
N LEU A 96 -8.42 -20.73 -40.48
CA LEU A 96 -7.60 -21.91 -40.68
C LEU A 96 -8.50 -23.14 -40.54
N GLU A 97 -8.27 -24.14 -41.40
CA GLU A 97 -9.02 -25.39 -41.32
C GLU A 97 -8.00 -26.43 -40.83
N VAL A 98 -8.34 -27.10 -39.71
CA VAL A 98 -7.52 -28.14 -39.14
C VAL A 98 -7.84 -29.48 -39.81
N THR A 99 -6.80 -30.16 -40.34
CA THR A 99 -6.88 -31.45 -41.01
C THR A 99 -5.77 -32.35 -40.48
N ASP A 100 -5.78 -33.61 -40.92
CA ASP A 100 -4.77 -34.60 -40.56
C ASP A 100 -3.42 -34.17 -41.12
N ALA A 101 -3.42 -33.43 -42.24
CA ALA A 101 -2.19 -32.95 -42.83
C ALA A 101 -1.51 -31.86 -41.98
N ASN A 102 -2.25 -31.11 -41.13
CA ASN A 102 -1.62 -30.01 -40.41
C ASN A 102 -1.78 -30.01 -38.87
N ARG A 103 -2.60 -30.87 -38.31
CA ARG A 103 -2.96 -30.77 -36.91
C ARG A 103 -1.73 -31.00 -36.03
N GLU A 104 -0.73 -31.76 -36.51
CA GLU A 104 0.49 -31.92 -35.72
C GLU A 104 1.35 -30.65 -35.70
N ARG A 105 1.06 -29.64 -36.57
CA ARG A 105 1.85 -28.45 -36.72
C ARG A 105 1.20 -27.23 -36.04
N ILE A 106 0.08 -27.47 -35.36
CA ILE A 106 -0.73 -26.42 -34.75
C ILE A 106 -0.73 -26.69 -33.25
N GLY A 107 -0.18 -25.71 -32.49
CA GLY A 107 -0.20 -25.84 -31.03
C GLY A 107 -0.88 -24.67 -30.35
N VAL A 108 -0.69 -24.64 -29.00
CA VAL A 108 -1.36 -23.67 -28.19
C VAL A 108 -0.46 -23.33 -27.00
N SER A 109 -0.44 -22.03 -26.71
CA SER A 109 0.19 -21.46 -25.53
C SER A 109 -0.70 -20.37 -24.95
N MET A 110 -1.67 -20.71 -24.12
CA MET A 110 -2.53 -19.78 -23.40
C MET A 110 -2.16 -19.87 -21.93
N GLY A 111 -1.76 -18.76 -21.29
CA GLY A 111 -1.38 -18.77 -19.91
C GLY A 111 -2.37 -18.05 -19.01
N SER A 112 -2.03 -18.07 -17.71
CA SER A 112 -2.76 -17.29 -16.75
C SER A 112 -1.82 -16.96 -15.61
N GLY A 113 -2.05 -15.85 -14.96
CA GLY A 113 -1.21 -15.40 -13.86
C GLY A 113 -1.52 -16.14 -12.57
N ILE A 114 -2.82 -16.31 -12.29
CA ILE A 114 -3.23 -16.93 -11.05
C ILE A 114 -4.22 -18.07 -11.25
N GLY A 115 -4.86 -18.14 -12.39
CA GLY A 115 -5.67 -19.30 -12.68
C GLY A 115 -6.96 -19.37 -11.88
N GLY A 116 -7.36 -20.58 -11.49
CA GLY A 116 -8.74 -20.86 -11.09
C GLY A 116 -9.07 -20.50 -9.65
N LEU A 117 -8.84 -19.25 -9.29
CA LEU A 117 -8.96 -18.79 -7.90
C LEU A 117 -10.39 -18.94 -7.39
N THR A 118 -11.38 -18.62 -8.23
CA THR A 118 -12.77 -18.71 -7.80
C THR A 118 -13.11 -20.17 -7.49
N ASN A 119 -12.69 -21.10 -8.39
CA ASN A 119 -12.95 -22.49 -8.19
C ASN A 119 -12.26 -23.02 -6.98
N ILE A 120 -11.03 -22.60 -6.76
CA ILE A 120 -10.29 -23.01 -5.57
C ILE A 120 -11.04 -22.53 -4.32
N GLU A 121 -11.53 -21.31 -4.35
CA GLU A 121 -12.17 -20.70 -3.17
C GLU A 121 -13.40 -21.54 -2.84
N ASN A 122 -14.24 -21.82 -3.85
CA ASN A 122 -15.43 -22.66 -3.69
C ASN A 122 -15.13 -24.07 -3.21
N ASN A 123 -14.10 -24.73 -3.73
CA ASN A 123 -13.76 -26.06 -3.25
C ASN A 123 -13.21 -26.00 -1.84
N CYS A 124 -12.45 -24.96 -1.49
CA CYS A 124 -12.06 -24.77 -0.12
C CYS A 124 -13.21 -24.65 0.86
N ARG A 125 -14.25 -23.92 0.50
CA ARG A 125 -15.42 -23.78 1.36
C ARG A 125 -16.02 -25.18 1.61
N SER A 126 -16.25 -25.96 0.55
CA SER A 126 -16.74 -27.31 0.64
C SER A 126 -15.87 -28.20 1.52
N LEU A 127 -14.55 -28.13 1.34
CA LEU A 127 -13.59 -28.86 2.15
C LEU A 127 -13.73 -28.51 3.63
N PHE A 128 -13.85 -27.24 3.94
CA PHE A 128 -13.79 -26.85 5.36
C PHE A 128 -15.10 -27.15 6.08
N GLU A 129 -16.22 -26.97 5.37
CA GLU A 129 -17.55 -27.13 5.95
C GLU A 129 -17.89 -28.60 6.05
N GLN A 130 -17.61 -29.39 4.99
CA GLN A 130 -18.13 -30.74 4.82
C GLN A 130 -17.04 -31.81 4.61
N GLY A 131 -15.74 -31.45 4.59
CA GLY A 131 -14.65 -32.41 4.45
C GLY A 131 -14.27 -32.72 3.00
N PRO A 132 -13.18 -33.49 2.78
CA PRO A 132 -12.55 -33.61 1.46
C PRO A 132 -13.38 -34.37 0.43
N ARG A 133 -14.34 -35.18 0.89
CA ARG A 133 -15.18 -35.89 -0.06
C ARG A 133 -16.13 -34.92 -0.77
N ARG A 134 -16.31 -33.65 -0.34
CA ARG A 134 -17.17 -32.72 -1.06
C ARG A 134 -16.40 -31.93 -2.14
N ILE A 135 -15.08 -32.11 -2.25
CA ILE A 135 -14.34 -31.55 -3.37
C ILE A 135 -14.84 -32.18 -4.67
N SER A 136 -15.03 -31.34 -5.68
CA SER A 136 -15.43 -31.82 -6.98
C SER A 136 -14.37 -32.75 -7.57
N PRO A 137 -14.76 -33.84 -8.25
CA PRO A 137 -13.87 -34.61 -9.09
C PRO A 137 -13.24 -33.83 -10.24
N PHE A 138 -13.90 -32.74 -10.66
CA PHE A 138 -13.41 -31.88 -11.75
C PHE A 138 -12.58 -30.70 -11.22
N PHE A 139 -12.29 -30.65 -9.91
CA PHE A 139 -11.63 -29.51 -9.31
C PHE A 139 -10.28 -29.27 -9.98
N VAL A 140 -9.44 -30.31 -10.04
CA VAL A 140 -8.08 -30.15 -10.56
C VAL A 140 -8.12 -29.74 -12.03
N PRO A 141 -8.69 -30.56 -12.96
CA PRO A 141 -8.64 -30.24 -14.39
C PRO A 141 -9.47 -29.01 -14.75
N GLY A 142 -10.35 -28.56 -13.85
CA GLY A 142 -11.10 -27.34 -14.11
C GLY A 142 -10.45 -26.08 -13.57
N SER A 143 -9.31 -26.18 -12.86
CA SER A 143 -8.74 -25.06 -12.15
C SER A 143 -7.29 -24.79 -12.55
N ILE A 144 -6.56 -25.77 -13.09
CA ILE A 144 -5.15 -25.58 -13.31
C ILE A 144 -4.96 -24.81 -14.63
N ILE A 145 -3.83 -24.07 -14.68
CA ILE A 145 -3.58 -23.08 -15.69
C ILE A 145 -3.42 -23.68 -17.09
N ASN A 146 -2.85 -24.85 -17.22
CA ASN A 146 -2.58 -25.40 -18.55
C ASN A 146 -3.82 -25.96 -19.22
N MET A 147 -5.02 -25.90 -18.55
CA MET A 147 -6.17 -26.52 -19.18
C MET A 147 -6.89 -25.61 -20.18
N VAL A 148 -6.49 -24.34 -20.37
CA VAL A 148 -6.95 -23.64 -21.59
C VAL A 148 -6.32 -24.31 -22.83
N SER A 149 -4.98 -24.45 -22.78
CA SER A 149 -4.23 -25.16 -23.81
C SER A 149 -4.78 -26.57 -23.99
N GLY A 150 -5.00 -27.27 -22.88
CA GLY A 150 -5.43 -28.65 -22.90
C GLY A 150 -6.83 -28.79 -23.57
N PHE A 151 -7.83 -28.06 -23.03
CA PHE A 151 -9.20 -28.13 -23.56
C PHE A 151 -9.28 -27.62 -25.01
N LEU A 152 -8.52 -26.59 -25.36
CA LEU A 152 -8.55 -26.13 -26.74
C LEU A 152 -8.03 -27.19 -27.67
N SER A 153 -6.92 -27.85 -27.28
CA SER A 153 -6.30 -28.79 -28.19
C SER A 153 -7.27 -29.97 -28.40
N ILE A 154 -7.99 -30.34 -27.34
CA ILE A 154 -8.94 -31.46 -27.39
C ILE A 154 -10.15 -31.08 -28.27
N HIS A 155 -10.69 -29.88 -28.07
CA HIS A 155 -11.86 -29.44 -28.83
C HIS A 155 -11.55 -29.26 -30.29
N LEU A 156 -10.38 -28.73 -30.68
CA LEU A 156 -10.04 -28.53 -32.08
C LEU A 156 -9.14 -29.60 -32.70
N GLY A 157 -8.65 -30.59 -31.92
CA GLY A 157 -7.77 -31.62 -32.42
C GLY A 157 -6.37 -31.08 -32.76
N LEU A 158 -5.82 -30.21 -31.90
CA LEU A 158 -4.54 -29.62 -32.16
C LEU A 158 -3.42 -30.43 -31.47
N GLN A 159 -2.44 -30.88 -32.22
CA GLN A 159 -1.49 -31.86 -31.69
C GLN A 159 -0.07 -31.33 -31.64
N GLY A 160 0.11 -30.05 -31.96
CA GLY A 160 1.39 -29.38 -31.85
C GLY A 160 1.75 -29.06 -30.38
N PRO A 161 2.84 -28.29 -30.21
CA PRO A 161 3.31 -27.90 -28.87
C PRO A 161 2.17 -27.37 -28.02
N ASN A 162 2.05 -27.89 -26.80
CA ASN A 162 0.94 -27.64 -25.96
C ASN A 162 1.43 -27.22 -24.55
N TYR A 163 1.38 -25.94 -24.21
CA TYR A 163 1.89 -25.54 -22.91
C TYR A 163 1.25 -24.25 -22.42
N ALA A 164 1.68 -23.79 -21.24
CA ALA A 164 1.17 -22.61 -20.59
C ALA A 164 2.26 -21.95 -19.73
N LEU A 165 2.40 -20.68 -19.93
CA LEU A 165 3.19 -19.74 -19.15
C LEU A 165 2.37 -19.23 -17.96
N THR A 166 3.05 -18.93 -16.85
CA THR A 166 2.45 -18.19 -15.77
C THR A 166 3.52 -17.24 -15.23
N THR A 167 3.49 -15.99 -15.71
CA THR A 167 4.45 -14.97 -15.27
C THR A 167 3.77 -13.70 -14.85
N ALA A 168 2.77 -13.88 -14.00
CA ALA A 168 2.07 -12.79 -13.42
C ALA A 168 1.56 -11.86 -14.54
N ALA A 169 1.78 -10.58 -14.44
CA ALA A 169 1.27 -9.63 -15.40
C ALA A 169 2.01 -9.69 -16.74
N THR A 170 3.08 -10.47 -16.83
CA THR A 170 3.81 -10.63 -18.07
C THR A 170 3.25 -11.78 -18.92
N THR A 171 2.40 -12.62 -18.33
CA THR A 171 1.99 -13.88 -18.92
C THR A 171 1.63 -13.78 -20.39
N GLY A 172 0.77 -12.85 -20.73
CA GLY A 172 0.25 -12.92 -22.08
C GLY A 172 1.29 -12.53 -23.13
N THR A 173 2.26 -11.69 -22.71
CA THR A 173 3.38 -11.28 -23.55
C THR A 173 4.35 -12.41 -23.74
N HIS A 174 4.69 -13.10 -22.66
CA HIS A 174 5.59 -14.21 -22.78
C HIS A 174 4.92 -15.34 -23.58
N SER A 175 3.62 -15.52 -23.38
CA SER A 175 2.92 -16.58 -24.11
C SER A 175 3.03 -16.39 -25.63
N ILE A 176 2.74 -15.17 -26.07
CA ILE A 176 2.84 -14.84 -27.47
C ILE A 176 4.27 -14.96 -28.00
N GLY A 177 5.24 -14.37 -27.29
CA GLY A 177 6.64 -14.39 -27.68
C GLY A 177 7.22 -15.81 -27.83
N MET A 178 6.89 -16.70 -26.87
CA MET A 178 7.43 -18.05 -26.90
C MET A 178 6.72 -18.89 -27.93
N ALA A 179 5.46 -18.56 -28.22
CA ALA A 179 4.79 -19.23 -29.32
C ALA A 179 5.43 -18.83 -30.66
N ALA A 180 5.77 -17.56 -30.82
CA ALA A 180 6.46 -17.10 -32.03
C ALA A 180 7.81 -17.80 -32.21
N ARG A 181 8.53 -18.02 -31.10
CA ARG A 181 9.77 -18.79 -31.14
C ARG A 181 9.55 -20.21 -31.63
N ASN A 182 8.48 -20.88 -31.18
CA ASN A 182 8.15 -22.21 -31.66
C ASN A 182 8.06 -22.22 -33.17
N ILE A 183 7.32 -21.24 -33.71
CA ILE A 183 7.12 -21.23 -35.13
C ILE A 183 8.41 -20.94 -35.86
N ALA A 184 9.18 -19.94 -35.42
CA ALA A 184 10.47 -19.60 -36.03
C ALA A 184 11.43 -20.81 -36.03
N TYR A 185 11.42 -21.56 -34.93
CA TYR A 185 12.32 -22.67 -34.76
C TYR A 185 11.88 -23.82 -35.67
N GLY A 186 10.63 -23.92 -36.12
CA GLY A 186 10.21 -25.07 -36.94
C GLY A 186 9.42 -26.09 -36.16
N GLU A 187 9.16 -25.90 -34.88
CA GLU A 187 8.39 -26.93 -34.14
C GLU A 187 6.87 -26.74 -34.29
N ALA A 188 6.45 -25.66 -34.94
CA ALA A 188 5.06 -25.53 -35.30
C ALA A 188 4.94 -24.58 -36.49
N ASP A 189 3.82 -24.68 -37.20
CA ASP A 189 3.51 -23.74 -38.27
C ASP A 189 2.48 -22.72 -37.81
N VAL A 190 1.67 -23.07 -36.80
CA VAL A 190 0.63 -22.22 -36.25
C VAL A 190 0.61 -22.43 -34.73
N MET A 191 0.39 -21.34 -34.00
CA MET A 191 0.17 -21.41 -32.55
C MET A 191 -0.96 -20.46 -32.24
N VAL A 192 -1.83 -20.86 -31.34
CA VAL A 192 -2.81 -20.01 -30.72
C VAL A 192 -2.22 -19.60 -29.36
N ALA A 193 -2.03 -18.31 -29.13
CA ALA A 193 -1.29 -17.84 -27.98
C ALA A 193 -1.95 -16.62 -27.35
N GLY A 194 -1.75 -16.48 -26.01
CA GLY A 194 -2.32 -15.38 -25.27
C GLY A 194 -2.53 -15.77 -23.82
N GLY A 195 -3.56 -15.20 -23.24
CA GLY A 195 -3.77 -15.41 -21.82
C GLY A 195 -5.15 -15.03 -21.34
N SER A 196 -5.46 -15.46 -20.14
CA SER A 196 -6.76 -15.17 -19.56
C SER A 196 -6.65 -15.12 -18.05
N GLU A 197 -7.61 -14.38 -17.48
CA GLU A 197 -7.61 -14.15 -16.05
C GLU A 197 -9.03 -13.88 -15.57
N MET A 198 -9.33 -14.41 -14.38
CA MET A 198 -10.55 -14.06 -13.65
CA MET A 198 -10.54 -14.03 -13.64
C MET A 198 -10.19 -14.15 -12.18
N ALA A 199 -9.58 -13.11 -11.66
CA ALA A 199 -9.20 -13.11 -10.26
C ALA A 199 -10.20 -12.31 -9.39
N ALA A 200 -11.37 -11.92 -9.92
CA ALA A 200 -12.28 -11.08 -9.17
C ALA A 200 -13.14 -11.98 -8.26
N CYS A 201 -12.51 -12.50 -7.23
CA CYS A 201 -13.21 -13.21 -6.15
C CYS A 201 -12.66 -12.64 -4.86
N GLY A 202 -13.23 -13.04 -3.71
CA GLY A 202 -12.73 -12.55 -2.44
C GLY A 202 -11.22 -12.70 -2.22
N LEU A 203 -10.68 -13.87 -2.57
CA LEU A 203 -9.26 -14.08 -2.43
C LEU A 203 -8.44 -13.10 -3.25
N GLY A 204 -8.92 -12.82 -4.46
CA GLY A 204 -8.16 -12.00 -5.39
C GLY A 204 -8.20 -10.55 -4.95
N LEU A 205 -9.41 -10.01 -4.82
CA LEU A 205 -9.55 -8.63 -4.39
C LEU A 205 -8.94 -8.45 -3.03
N GLY A 206 -9.26 -9.36 -2.11
CA GLY A 206 -8.63 -9.33 -0.82
C GLY A 206 -7.11 -9.41 -0.84
N GLY A 207 -6.57 -10.29 -1.70
CA GLY A 207 -5.14 -10.45 -1.85
C GLY A 207 -4.39 -9.21 -2.33
N PHE A 208 -4.91 -8.57 -3.40
CA PHE A 208 -4.30 -7.34 -3.91
C PHE A 208 -4.55 -6.18 -2.99
N GLY A 209 -5.74 -6.11 -2.41
CA GLY A 209 -6.05 -5.10 -1.40
C GLY A 209 -5.19 -5.17 -0.17
N ALA A 210 -4.93 -6.41 0.31
CA ALA A 210 -4.12 -6.62 1.50
C ALA A 210 -2.72 -6.05 1.26
N ALA A 211 -2.25 -6.03 0.00
CA ALA A 211 -0.98 -5.43 -0.35
C ALA A 211 -1.10 -3.92 -0.62
N ARG A 212 -2.29 -3.35 -0.48
CA ARG A 212 -2.56 -1.93 -0.74
C ARG A 212 -2.17 -1.57 -2.18
N ALA A 213 -2.39 -2.49 -3.14
CA ALA A 213 -1.94 -2.27 -4.50
C ALA A 213 -3.02 -1.63 -5.37
N LEU A 214 -4.30 -1.73 -4.95
CA LEU A 214 -5.44 -1.34 -5.75
C LEU A 214 -5.79 0.12 -5.52
N SER A 215 -6.22 0.79 -6.58
CA SER A 215 -6.95 2.05 -6.43
C SER A 215 -8.15 1.82 -5.51
N THR A 216 -8.43 2.83 -4.70
CA THR A 216 -9.58 2.86 -3.84
C THR A 216 -10.51 4.03 -4.20
N ARG A 217 -10.52 4.48 -5.46
CA ARG A 217 -11.40 5.57 -5.90
C ARG A 217 -12.80 5.04 -6.23
N ASN A 218 -13.51 4.62 -5.19
CA ASN A 218 -14.80 3.99 -5.33
C ASN A 218 -15.88 4.98 -5.79
N ASP A 219 -15.67 6.26 -5.50
CA ASP A 219 -16.58 7.33 -5.88
C ASP A 219 -16.61 7.59 -7.38
N GLU A 220 -15.53 7.32 -8.12
CA GLU A 220 -15.48 7.58 -9.55
C GLU A 220 -14.69 6.44 -10.21
N PRO A 221 -15.24 5.20 -10.31
CA PRO A 221 -14.49 4.06 -10.83
C PRO A 221 -13.88 4.33 -12.20
N THR A 222 -14.56 5.09 -13.05
CA THR A 222 -14.05 5.30 -14.41
C THR A 222 -12.81 6.20 -14.43
N ARG A 223 -12.55 6.94 -13.36
CA ARG A 223 -11.38 7.81 -13.24
C ARG A 223 -10.24 7.14 -12.47
N ALA A 224 -10.41 5.90 -11.99
CA ALA A 224 -9.49 5.31 -11.03
C ALA A 224 -8.14 4.98 -11.70
N SER A 225 -8.24 4.40 -12.90
CA SER A 225 -7.05 4.01 -13.67
C SER A 225 -6.53 5.21 -14.45
N ARG A 226 -5.44 5.78 -13.97
CA ARG A 226 -4.91 7.03 -14.53
C ARG A 226 -3.40 6.99 -14.64
N PRO A 227 -2.89 6.16 -15.56
CA PRO A 227 -1.44 5.98 -15.68
C PRO A 227 -0.74 7.32 -15.96
N TRP A 228 0.38 7.50 -15.27
CA TRP A 228 1.25 8.68 -15.29
C TRP A 228 0.55 9.93 -14.75
N ASP A 229 -0.66 9.83 -14.19
CA ASP A 229 -1.31 11.00 -13.60
C ASP A 229 -0.83 11.18 -12.17
N ARG A 230 -0.57 12.41 -11.72
CA ARG A 230 0.00 12.58 -10.40
C ARG A 230 -0.93 12.11 -9.25
N ASP A 231 -2.24 11.93 -9.48
CA ASP A 231 -3.14 11.43 -8.42
C ASP A 231 -3.41 9.94 -8.51
N ARG A 232 -2.68 9.20 -9.38
CA ARG A 232 -2.82 7.76 -9.44
C ARG A 232 -2.60 7.14 -8.05
N ASP A 233 -3.34 6.06 -7.75
CA ASP A 233 -3.27 5.45 -6.44
C ASP A 233 -3.39 3.94 -6.50
N GLY A 234 -2.91 3.32 -7.59
CA GLY A 234 -2.90 1.88 -7.66
C GLY A 234 -3.70 1.37 -8.85
N PHE A 235 -3.57 0.06 -9.10
CA PHE A 235 -4.14 -0.47 -10.33
C PHE A 235 -5.61 -0.79 -10.10
N VAL A 236 -6.31 -1.03 -11.20
CA VAL A 236 -7.66 -1.49 -11.29
C VAL A 236 -7.68 -2.90 -11.83
N LEU A 237 -8.32 -3.78 -11.04
CA LEU A 237 -8.42 -5.20 -11.37
C LEU A 237 -9.51 -5.44 -12.41
N SER A 238 -9.09 -6.14 -13.45
CA SER A 238 -9.94 -6.47 -14.59
C SER A 238 -9.75 -7.93 -14.96
N ASP A 239 -10.75 -8.42 -15.70
CA ASP A 239 -10.88 -9.78 -16.12
C ASP A 239 -10.93 -9.85 -17.64
N GLY A 240 -10.65 -11.04 -18.17
CA GLY A 240 -10.91 -11.34 -19.56
C GLY A 240 -9.77 -12.13 -20.19
N SER A 241 -9.63 -11.98 -21.50
CA SER A 241 -8.74 -12.87 -22.23
C SER A 241 -8.40 -12.30 -23.58
N GLY A 242 -7.27 -12.74 -24.12
CA GLY A 242 -6.93 -12.39 -25.47
C GLY A 242 -6.16 -13.56 -26.08
N ALA A 243 -6.43 -13.87 -27.36
CA ALA A 243 -5.75 -14.90 -28.10
C ALA A 243 -5.40 -14.38 -29.49
N LEU A 244 -4.25 -14.83 -29.99
CA LEU A 244 -3.85 -14.53 -31.35
C LEU A 244 -3.51 -15.85 -31.99
N VAL A 245 -3.80 -15.97 -33.30
CA VAL A 245 -3.29 -17.02 -34.14
C VAL A 245 -2.03 -16.48 -34.82
N LEU A 246 -0.91 -17.07 -34.43
CA LEU A 246 0.39 -16.80 -35.01
C LEU A 246 0.66 -17.88 -36.05
N GLU A 247 1.30 -17.50 -37.19
CA GLU A 247 1.42 -18.41 -38.32
C GLU A 247 2.71 -18.13 -39.06
N GLU A 248 3.36 -19.18 -39.56
CA GLU A 248 4.49 -19.00 -40.39
C GLU A 248 4.01 -18.32 -41.71
N LEU A 249 4.82 -17.40 -42.21
CA LEU A 249 4.44 -16.49 -43.29
C LEU A 249 4.10 -17.30 -44.57
N GLU A 250 4.97 -18.20 -44.99
CA GLU A 250 4.67 -18.99 -46.21
C GLU A 250 3.45 -19.84 -46.07
N HIS A 251 3.26 -20.44 -44.88
CA HIS A 251 2.01 -21.13 -44.55
C HIS A 251 0.79 -20.22 -44.69
N ALA A 252 0.89 -18.98 -44.20
CA ALA A 252 -0.28 -18.10 -44.24
C ALA A 252 -0.57 -17.69 -45.73
N ARG A 253 0.51 -17.27 -46.41
CA ARG A 253 0.44 -16.94 -47.84
C ARG A 253 -0.15 -18.06 -48.69
N ALA A 254 0.22 -19.30 -48.40
CA ALA A 254 -0.20 -20.43 -49.22
C ALA A 254 -1.69 -20.68 -49.08
N ARG A 255 -2.31 -20.34 -47.94
CA ARG A 255 -3.74 -20.58 -47.81
C ARG A 255 -4.52 -19.30 -48.08
N GLY A 256 -3.84 -18.20 -48.47
CA GLY A 256 -4.50 -16.91 -48.66
C GLY A 256 -5.13 -16.37 -47.38
N ALA A 257 -4.40 -16.46 -46.27
CA ALA A 257 -4.88 -15.89 -45.01
C ALA A 257 -4.82 -14.37 -45.07
N ARG A 258 -5.76 -13.72 -44.37
CA ARG A 258 -5.68 -12.29 -44.12
CA ARG A 258 -5.69 -12.29 -44.11
C ARG A 258 -4.63 -12.07 -43.02
N ILE A 259 -3.62 -11.27 -43.30
CA ILE A 259 -2.53 -11.05 -42.36
C ILE A 259 -2.73 -9.68 -41.73
N TYR A 260 -2.80 -9.60 -40.38
CA TYR A 260 -2.91 -8.32 -39.73
C TYR A 260 -1.59 -7.58 -39.62
N ALA A 261 -0.51 -8.28 -39.27
CA ALA A 261 0.74 -7.67 -38.97
C ALA A 261 1.76 -8.79 -38.79
N GLU A 262 3.00 -8.40 -38.73
CA GLU A 262 4.08 -9.32 -38.53
C GLU A 262 4.62 -9.15 -37.10
N LEU A 263 4.86 -10.29 -36.43
CA LEU A 263 5.58 -10.27 -35.14
C LEU A 263 7.08 -10.45 -35.40
N VAL A 264 7.87 -9.41 -35.14
CA VAL A 264 9.27 -9.34 -35.60
C VAL A 264 10.23 -9.43 -34.42
N GLY A 265 9.80 -9.16 -33.20
CA GLY A 265 10.76 -9.24 -32.12
C GLY A 265 10.11 -9.57 -30.78
N PHE A 266 10.85 -10.30 -29.97
CA PHE A 266 10.48 -10.66 -28.62
C PHE A 266 11.70 -10.56 -27.71
N GLY A 267 11.57 -9.80 -26.63
CA GLY A 267 12.57 -9.66 -25.61
C GLY A 267 12.07 -10.01 -24.22
N MET A 268 12.99 -10.50 -23.40
CA MET A 268 12.77 -10.76 -21.99
C MET A 268 13.91 -10.22 -21.15
N SER A 269 13.56 -9.91 -19.89
CA SER A 269 14.60 -9.65 -18.92
C SER A 269 14.04 -9.88 -17.52
N GLY A 270 14.95 -9.84 -16.56
CA GLY A 270 14.56 -9.76 -15.17
C GLY A 270 15.23 -8.53 -14.52
N ASP A 271 14.46 -7.82 -13.71
CA ASP A 271 15.01 -6.73 -12.92
C ASP A 271 16.02 -7.20 -11.88
N ALA A 272 15.75 -8.34 -11.25
CA ALA A 272 16.51 -8.86 -10.11
C ALA A 272 16.65 -7.76 -9.03
N PHE A 273 15.53 -7.11 -8.70
CA PHE A 273 15.51 -5.94 -7.84
C PHE A 273 14.60 -6.15 -6.62
N HIS A 274 13.29 -6.34 -6.82
CA HIS A 274 12.31 -6.43 -5.74
C HIS A 274 11.09 -7.26 -6.18
N MET A 275 10.40 -7.89 -5.22
CA MET A 275 9.35 -8.84 -5.52
C MET A 275 8.17 -8.16 -6.23
N THR A 276 7.88 -6.87 -6.02
CA THR A 276 6.71 -6.21 -6.61
C THR A 276 7.00 -4.82 -7.23
N ALA A 277 8.01 -4.07 -6.75
CA ALA A 277 8.37 -2.77 -7.32
C ALA A 277 9.50 -2.87 -8.36
N PRO A 278 9.47 -2.12 -9.49
CA PRO A 278 10.61 -2.11 -10.39
C PRO A 278 11.60 -1.10 -9.81
N PRO A 279 12.87 -1.07 -10.26
CA PRO A 279 13.79 0.03 -9.89
C PRO A 279 13.31 1.31 -10.56
N GLU A 280 13.51 2.48 -9.91
CA GLU A 280 12.92 3.75 -10.34
C GLU A 280 13.38 4.17 -11.71
N ASP A 281 14.57 3.72 -12.13
CA ASP A 281 15.04 4.01 -13.49
C ASP A 281 14.60 2.98 -14.55
N GLY A 282 13.81 1.97 -14.17
CA GLY A 282 13.30 0.99 -15.13
C GLY A 282 14.42 0.31 -15.92
N ALA A 283 15.56 0.06 -15.27
CA ALA A 283 16.72 -0.47 -16.00
C ALA A 283 16.37 -1.83 -16.64
N GLY A 284 15.60 -2.66 -15.91
CA GLY A 284 15.21 -3.96 -16.47
C GLY A 284 14.32 -3.86 -17.70
N ALA A 285 13.32 -2.98 -17.63
CA ALA A 285 12.44 -2.72 -18.74
C ALA A 285 13.23 -2.22 -19.95
N ALA A 286 14.26 -1.40 -19.71
CA ALA A 286 15.09 -0.89 -20.81
C ALA A 286 15.82 -2.02 -21.48
N ARG A 287 16.41 -2.93 -20.67
CA ARG A 287 17.15 -4.06 -21.20
C ARG A 287 16.20 -4.92 -22.03
N CYS A 288 14.92 -5.04 -21.58
CA CYS A 288 13.92 -5.87 -22.23
C CYS A 288 13.54 -5.33 -23.62
N MET A 289 13.26 -4.03 -23.62
CA MET A 289 12.91 -3.36 -24.84
C MET A 289 14.07 -3.46 -25.84
N LYS A 290 15.29 -3.18 -25.39
CA LYS A 290 16.45 -3.33 -26.27
C LYS A 290 16.57 -4.75 -26.78
N ASN A 291 16.35 -5.74 -25.92
CA ASN A 291 16.42 -7.14 -26.42
C ASN A 291 15.45 -7.38 -27.53
N ALA A 292 14.21 -6.88 -27.39
CA ALA A 292 13.19 -7.10 -28.40
C ALA A 292 13.54 -6.38 -29.69
N LEU A 293 14.07 -5.15 -29.61
CA LEU A 293 14.48 -4.45 -30.83
C LEU A 293 15.67 -5.14 -31.48
N ARG A 294 16.61 -5.63 -30.69
CA ARG A 294 17.76 -6.36 -31.22
CA ARG A 294 17.76 -6.36 -31.22
C ARG A 294 17.27 -7.64 -31.91
N ASP A 295 16.32 -8.37 -31.29
CA ASP A 295 15.68 -9.52 -31.91
C ASP A 295 15.01 -9.20 -33.25
N ALA A 296 14.39 -8.01 -33.36
CA ALA A 296 13.72 -7.57 -34.55
C ALA A 296 14.66 -6.98 -35.59
N GLY A 297 15.92 -6.75 -35.22
CA GLY A 297 16.83 -6.05 -36.12
C GLY A 297 16.37 -4.61 -36.38
N LEU A 298 15.82 -3.96 -35.31
CA LEU A 298 15.41 -2.57 -35.42
C LEU A 298 16.22 -1.68 -34.50
N ASP A 299 16.35 -0.44 -34.98
CA ASP A 299 16.94 0.65 -34.22
C ASP A 299 15.77 1.27 -33.44
N PRO A 300 15.97 1.81 -32.23
CA PRO A 300 14.92 2.54 -31.51
C PRO A 300 14.18 3.59 -32.30
N ARG A 301 14.91 4.25 -33.25
CA ARG A 301 14.29 5.32 -34.03
C ARG A 301 13.21 4.79 -34.95
N GLN A 302 13.12 3.46 -35.14
CA GLN A 302 12.12 2.91 -36.01
C GLN A 302 10.77 2.67 -35.31
N VAL A 303 10.68 2.89 -34.02
CA VAL A 303 9.46 2.61 -33.30
C VAL A 303 8.58 3.85 -33.35
N ASP A 304 7.32 3.67 -33.68
CA ASP A 304 6.34 4.75 -33.78
C ASP A 304 5.35 4.75 -32.61
N TYR A 305 4.97 3.56 -32.07
CA TYR A 305 3.92 3.45 -31.06
C TYR A 305 4.37 2.41 -29.99
N ILE A 306 4.26 2.79 -28.71
CA ILE A 306 4.43 1.88 -27.58
C ILE A 306 3.08 1.73 -26.87
N ASN A 307 2.63 0.48 -26.75
CA ASN A 307 1.51 0.19 -25.86
C ASN A 307 2.18 -0.13 -24.54
N ALA A 308 2.18 0.85 -23.63
CA ALA A 308 2.91 0.74 -22.38
C ALA A 308 2.25 -0.29 -21.49
N HIS A 309 3.02 -0.82 -20.54
CA HIS A 309 2.44 -1.59 -19.44
C HIS A 309 1.51 -0.73 -18.57
N GLY A 310 2.04 0.41 -18.11
CA GLY A 310 1.31 1.57 -17.54
C GLY A 310 0.11 1.20 -16.68
N THR A 311 0.34 0.65 -15.48
CA THR A 311 -0.69 0.09 -14.64
C THR A 311 -1.40 1.09 -13.74
N SER A 312 -0.89 2.33 -13.60
CA SER A 312 -1.45 3.35 -12.71
C SER A 312 -0.96 3.20 -11.28
N THR A 313 0.26 2.66 -11.11
CA THR A 313 0.89 2.58 -9.82
C THR A 313 1.91 3.72 -9.72
N PRO A 314 2.20 4.19 -8.50
CA PRO A 314 3.24 5.21 -8.32
C PRO A 314 4.60 4.81 -8.90
N ALA A 315 5.17 3.70 -8.45
CA ALA A 315 6.54 3.28 -8.84
C ALA A 315 6.63 2.75 -10.28
N GLY A 316 5.64 1.95 -10.68
CA GLY A 316 5.66 1.29 -11.99
C GLY A 316 5.62 2.30 -13.14
N ASP A 317 4.71 3.28 -13.07
CA ASP A 317 4.53 4.13 -14.23
C ASP A 317 5.77 4.98 -14.52
N ILE A 318 6.37 5.56 -13.48
CA ILE A 318 7.53 6.44 -13.68
C ILE A 318 8.75 5.61 -14.13
N ALA A 319 8.93 4.40 -13.62
CA ALA A 319 10.00 3.52 -14.10
C ALA A 319 9.90 3.30 -15.62
N GLU A 320 8.68 3.13 -16.14
CA GLU A 320 8.54 2.80 -17.55
C GLU A 320 8.89 4.01 -18.42
N ILE A 321 8.54 5.22 -17.97
CA ILE A 321 8.96 6.48 -18.60
C ILE A 321 10.49 6.54 -18.64
N ALA A 322 11.13 6.33 -17.50
CA ALA A 322 12.59 6.36 -17.41
C ALA A 322 13.21 5.37 -18.40
N ALA A 323 12.64 4.17 -18.52
CA ALA A 323 13.17 3.15 -19.43
C ALA A 323 13.01 3.55 -20.89
N VAL A 324 11.86 4.13 -21.26
CA VAL A 324 11.64 4.58 -22.61
C VAL A 324 12.61 5.72 -22.99
N LYS A 325 12.82 6.67 -22.11
CA LYS A 325 13.79 7.73 -22.31
C LYS A 325 15.22 7.19 -22.44
N SER A 326 15.57 6.21 -21.63
CA SER A 326 16.89 5.59 -21.70
C SER A 326 17.09 4.85 -23.04
N VAL A 327 16.11 4.09 -23.49
CA VAL A 327 16.22 3.32 -24.72
C VAL A 327 16.15 4.23 -25.93
N PHE A 328 15.20 5.17 -25.94
CA PHE A 328 14.82 5.85 -27.17
C PHE A 328 15.57 7.19 -27.33
N GLY A 329 16.13 7.74 -26.26
CA GLY A 329 16.85 9.02 -26.32
C GLY A 329 15.96 10.14 -26.88
N GLU A 330 16.46 10.95 -27.83
CA GLU A 330 15.63 12.03 -28.36
C GLU A 330 14.35 11.51 -29.02
N HIS A 331 14.42 10.34 -29.65
CA HIS A 331 13.28 9.78 -30.31
C HIS A 331 12.13 9.51 -29.34
N ALA A 332 12.40 9.45 -28.02
CA ALA A 332 11.33 9.25 -27.04
C ALA A 332 10.26 10.32 -27.16
N HIS A 333 10.65 11.53 -27.63
CA HIS A 333 9.71 12.64 -27.87
C HIS A 333 9.04 12.60 -29.24
N ALA A 334 9.41 11.67 -30.13
CA ALA A 334 8.76 11.55 -31.44
C ALA A 334 7.70 10.43 -31.50
N LEU A 335 7.97 9.29 -30.86
CA LEU A 335 7.02 8.19 -30.80
C LEU A 335 5.82 8.59 -29.93
N SER A 336 4.72 7.85 -30.06
CA SER A 336 3.55 7.97 -29.22
C SER A 336 3.50 6.77 -28.30
N MET A 337 3.20 7.00 -27.03
CA MET A 337 3.14 5.90 -26.09
C MET A 337 1.85 6.04 -25.28
N SER A 338 1.09 4.95 -25.17
CA SER A 338 -0.14 5.03 -24.38
C SER A 338 -0.39 3.79 -23.55
N SER A 339 -1.18 3.97 -22.47
CA SER A 339 -1.65 2.82 -21.70
C SER A 339 -3.16 2.69 -21.89
N THR A 340 -3.54 1.59 -22.53
CA THR A 340 -4.92 1.20 -22.67
C THR A 340 -5.51 0.70 -21.36
N LYS A 341 -4.68 0.42 -20.34
CA LYS A 341 -5.19 0.11 -19.01
C LYS A 341 -5.95 1.29 -18.40
N SER A 342 -5.71 2.52 -18.92
CA SER A 342 -6.55 3.66 -18.56
C SER A 342 -8.04 3.36 -18.75
N MET A 343 -8.38 2.58 -19.78
CA MET A 343 -9.74 2.18 -20.15
C MET A 343 -10.11 0.77 -19.70
N THR A 344 -9.18 -0.22 -19.83
CA THR A 344 -9.53 -1.62 -19.62
C THR A 344 -9.30 -2.05 -18.17
N GLY A 345 -8.52 -1.29 -17.41
CA GLY A 345 -7.86 -1.69 -16.19
C GLY A 345 -6.78 -2.73 -16.48
N HIS A 346 -6.34 -3.40 -15.42
CA HIS A 346 -5.25 -4.35 -15.48
C HIS A 346 -5.80 -5.79 -15.53
N LEU A 347 -5.73 -6.37 -16.73
CA LEU A 347 -6.19 -7.74 -16.93
C LEU A 347 -5.16 -8.78 -16.52
N LEU A 348 -4.12 -8.42 -15.78
CA LEU A 348 -3.23 -9.39 -15.15
C LEU A 348 -2.59 -10.29 -16.21
N GLY A 349 -2.81 -11.60 -16.16
CA GLY A 349 -2.24 -12.54 -17.08
C GLY A 349 -2.72 -12.32 -18.51
N ALA A 350 -3.88 -11.65 -18.68
CA ALA A 350 -4.42 -11.40 -20.01
C ALA A 350 -3.96 -10.07 -20.56
N ALA A 351 -3.38 -9.20 -19.72
CA ALA A 351 -3.08 -7.84 -20.10
C ALA A 351 -2.23 -7.81 -21.36
N GLY A 352 -1.16 -8.62 -21.36
CA GLY A 352 -0.28 -8.61 -22.51
C GLY A 352 -0.87 -9.15 -23.78
N ALA A 353 -1.84 -10.06 -23.66
CA ALA A 353 -2.52 -10.61 -24.83
C ALA A 353 -3.47 -9.57 -25.42
N VAL A 354 -4.29 -8.92 -24.59
CA VAL A 354 -5.20 -7.89 -25.13
C VAL A 354 -4.44 -6.72 -25.68
N GLU A 355 -3.33 -6.37 -25.03
CA GLU A 355 -2.57 -5.23 -25.48
C GLU A 355 -1.77 -5.51 -26.74
N ALA A 356 -1.34 -6.76 -26.94
CA ALA A 356 -0.79 -7.14 -28.23
C ALA A 356 -1.85 -6.95 -29.31
N ILE A 357 -3.08 -7.37 -29.06
CA ILE A 357 -4.14 -7.18 -30.04
C ILE A 357 -4.33 -5.70 -30.36
N PHE A 358 -4.35 -4.84 -29.31
CA PHE A 358 -4.48 -3.41 -29.53
C PHE A 358 -3.29 -2.86 -30.30
N SER A 359 -2.11 -3.39 -30.05
CA SER A 359 -0.93 -3.01 -30.83
C SER A 359 -1.08 -3.34 -32.32
N VAL A 360 -1.59 -4.53 -32.63
CA VAL A 360 -1.78 -4.96 -34.02
C VAL A 360 -2.83 -4.06 -34.69
N LEU A 361 -3.90 -3.76 -33.97
CA LEU A 361 -4.94 -2.88 -34.51
C LEU A 361 -4.47 -1.44 -34.65
N ALA A 362 -3.59 -0.96 -33.77
CA ALA A 362 -2.97 0.34 -33.99
C ALA A 362 -2.25 0.42 -35.36
N LEU A 363 -1.60 -0.69 -35.73
CA LEU A 363 -0.96 -0.82 -37.02
C LEU A 363 -2.00 -0.85 -38.14
N ARG A 364 -3.06 -1.63 -37.96
CA ARG A 364 -4.05 -1.81 -39.01
C ARG A 364 -4.71 -0.47 -39.28
N ASP A 365 -5.07 0.26 -38.20
CA ASP A 365 -5.91 1.41 -38.29
C ASP A 365 -5.09 2.69 -38.30
N GLN A 366 -3.74 2.65 -38.16
CA GLN A 366 -2.91 3.84 -38.09
C GLN A 366 -3.42 4.86 -37.09
N VAL A 367 -3.53 4.45 -35.83
CA VAL A 367 -4.08 5.27 -34.77
C VAL A 367 -3.52 4.77 -33.44
N ALA A 368 -2.97 5.69 -32.67
CA ALA A 368 -2.53 5.46 -31.32
C ALA A 368 -3.71 5.62 -30.37
N PRO A 369 -4.08 4.56 -29.63
CA PRO A 369 -5.17 4.65 -28.66
C PRO A 369 -4.78 5.61 -27.56
N PRO A 370 -5.77 6.25 -26.90
CA PRO A 370 -5.45 7.18 -25.85
C PRO A 370 -5.03 6.59 -24.52
N THR A 371 -4.36 7.41 -23.72
CA THR A 371 -4.34 7.23 -22.28
C THR A 371 -5.44 8.14 -21.74
N ILE A 372 -6.60 7.58 -21.39
CA ILE A 372 -7.60 8.44 -20.71
C ILE A 372 -7.16 8.68 -19.27
N ASN A 373 -7.83 9.69 -18.70
CA ASN A 373 -7.66 10.15 -17.33
C ASN A 373 -6.34 10.85 -17.07
N LEU A 374 -5.56 11.19 -18.12
CA LEU A 374 -4.26 11.77 -17.87
C LEU A 374 -4.39 13.29 -17.77
N ASP A 375 -5.01 13.73 -16.69
CA ASP A 375 -5.33 15.11 -16.42
C ASP A 375 -4.08 15.91 -16.05
N ASN A 376 -3.27 15.44 -15.12
CA ASN A 376 -2.10 16.12 -14.57
C ASN A 376 -0.89 15.16 -14.63
N PRO A 377 -0.16 15.13 -15.76
CA PRO A 377 1.01 14.26 -15.86
C PRO A 377 1.99 14.55 -14.73
N ASP A 378 2.57 13.48 -14.20
CA ASP A 378 3.43 13.58 -13.05
C ASP A 378 4.79 14.12 -13.53
N GLU A 379 5.67 14.42 -12.58
CA GLU A 379 7.03 14.91 -12.84
C GLU A 379 7.76 13.97 -13.80
N GLY A 380 8.21 14.51 -14.93
CA GLY A 380 9.00 13.75 -15.90
C GLY A 380 8.16 12.96 -16.89
N CYS A 381 6.81 13.03 -16.80
CA CYS A 381 5.94 12.26 -17.67
C CYS A 381 5.55 13.15 -18.85
N ASP A 382 6.55 13.55 -19.65
CA ASP A 382 6.46 14.66 -20.57
C ASP A 382 6.59 14.16 -21.99
N LEU A 383 6.44 12.84 -22.20
CA LEU A 383 6.35 12.29 -23.55
C LEU A 383 4.97 12.52 -24.14
N ASP A 384 4.81 12.19 -25.42
CA ASP A 384 3.49 12.08 -26.02
C ASP A 384 2.82 10.80 -25.52
N LEU A 385 1.99 10.98 -24.47
CA LEU A 385 1.28 9.87 -23.85
C LEU A 385 -0.15 9.73 -24.38
N VAL A 386 -0.43 10.39 -25.52
CA VAL A 386 -1.70 10.34 -26.20
C VAL A 386 -2.80 10.61 -25.18
N ALA A 387 -2.58 11.63 -24.34
CA ALA A 387 -3.58 11.98 -23.30
C ALA A 387 -4.96 12.22 -23.90
N HIS A 388 -6.01 11.57 -23.34
CA HIS A 388 -7.41 11.93 -23.51
C HIS A 388 -8.06 11.35 -24.76
N GLU A 389 -7.45 11.53 -25.95
CA GLU A 389 -8.09 11.27 -27.23
C GLU A 389 -7.18 10.47 -28.18
N ALA A 390 -7.71 9.49 -28.89
CA ALA A 390 -6.97 8.71 -29.89
C ALA A 390 -6.29 9.64 -30.87
N LYS A 391 -5.08 9.29 -31.31
CA LYS A 391 -4.31 10.11 -32.22
C LYS A 391 -3.95 9.34 -33.49
N PRO A 392 -4.66 9.60 -34.61
CA PRO A 392 -4.26 9.10 -35.93
C PRO A 392 -2.85 9.56 -36.24
N ARG A 393 -1.98 8.63 -36.65
CA ARG A 393 -0.62 8.98 -37.03
C ARG A 393 -0.03 7.79 -37.77
N LYS A 394 1.17 8.01 -38.33
CA LYS A 394 1.92 6.97 -39.03
C LYS A 394 2.47 5.98 -37.99
N ILE A 395 2.14 4.69 -38.16
CA ILE A 395 2.66 3.64 -37.30
C ILE A 395 3.13 2.47 -38.16
N ASP A 396 4.45 2.31 -38.23
CA ASP A 396 5.04 1.20 -38.95
C ASP A 396 5.40 0.09 -37.97
N VAL A 397 5.85 0.48 -36.79
CA VAL A 397 6.34 -0.43 -35.77
C VAL A 397 5.66 -0.06 -34.45
N ALA A 398 5.14 -1.10 -33.76
CA ALA A 398 4.45 -0.97 -32.48
C ALA A 398 5.09 -1.94 -31.50
N LEU A 399 5.43 -1.44 -30.33
CA LEU A 399 6.03 -2.24 -29.25
C LEU A 399 4.98 -2.40 -28.16
N SER A 400 4.94 -3.57 -27.46
CA SER A 400 4.05 -3.71 -26.34
C SER A 400 4.86 -4.28 -25.17
N ASN A 401 4.81 -3.63 -24.01
CA ASN A 401 5.53 -4.08 -22.82
C ASN A 401 4.60 -4.68 -21.79
N SER A 402 5.12 -5.68 -21.07
CA SER A 402 4.46 -6.19 -19.89
C SER A 402 5.54 -6.47 -18.86
N PHE A 403 5.28 -6.12 -17.60
CA PHE A 403 6.15 -6.29 -16.47
C PHE A 403 5.36 -6.92 -15.32
N GLY A 404 6.01 -7.75 -14.53
CA GLY A 404 5.28 -8.61 -13.63
C GLY A 404 5.97 -8.71 -12.28
N PHE A 405 5.21 -9.15 -11.30
CA PHE A 405 5.77 -9.52 -10.03
C PHE A 405 7.01 -10.39 -10.22
N GLY A 406 7.99 -10.11 -9.35
CA GLY A 406 9.30 -10.78 -9.45
C GLY A 406 10.28 -10.02 -10.35
N GLY A 407 9.86 -8.93 -10.98
CA GLY A 407 10.65 -8.18 -11.93
C GLY A 407 10.78 -8.87 -13.27
N THR A 408 9.78 -9.67 -13.66
CA THR A 408 9.83 -10.40 -14.92
C THR A 408 9.27 -9.47 -16.02
N ASN A 409 10.04 -9.30 -17.09
CA ASN A 409 9.72 -8.38 -18.15
C ASN A 409 9.65 -9.07 -19.50
N GLY A 410 8.75 -8.54 -20.31
CA GLY A 410 8.60 -8.97 -21.69
C GLY A 410 8.21 -7.81 -22.61
N THR A 411 8.69 -7.87 -23.84
CA THR A 411 8.39 -6.91 -24.87
C THR A 411 8.14 -7.65 -26.19
N LEU A 412 7.06 -7.23 -26.90
CA LEU A 412 6.78 -7.72 -28.25
C LEU A 412 6.88 -6.55 -29.23
N VAL A 413 7.41 -6.84 -30.41
CA VAL A 413 7.58 -5.82 -31.46
C VAL A 413 6.84 -6.34 -32.67
N PHE A 414 5.84 -5.56 -33.09
CA PHE A 414 5.06 -5.81 -34.26
C PHE A 414 5.38 -4.75 -35.36
N ARG A 415 5.18 -5.18 -36.61
CA ARG A 415 5.46 -4.36 -37.79
C ARG A 415 4.35 -4.52 -38.82
N ARG A 416 4.07 -3.41 -39.54
CA ARG A 416 3.08 -3.49 -40.58
C ARG A 416 3.58 -4.50 -41.57
N PHE A 417 2.68 -5.29 -42.14
CA PHE A 417 3.17 -6.34 -43.01
C PHE A 417 3.21 -5.85 -44.47
N ALA A 418 4.39 -5.91 -45.14
CA ALA A 418 4.59 -5.62 -46.55
C ALA A 418 5.68 -6.53 -47.11
N ARG B 8 8.15 -9.85 37.39
CA ARG B 8 9.40 -10.65 37.28
C ARG B 8 9.57 -11.27 35.89
N ARG B 9 8.51 -11.31 35.05
CA ARG B 9 8.63 -11.74 33.65
C ARG B 9 9.11 -10.56 32.79
N ARG B 10 9.76 -10.89 31.69
CA ARG B 10 10.34 -9.90 30.80
C ARG B 10 9.31 -9.61 29.73
N VAL B 11 9.35 -8.36 29.22
CA VAL B 11 8.40 -7.83 28.25
C VAL B 11 9.17 -7.31 27.05
N VAL B 12 8.78 -7.77 25.87
CA VAL B 12 9.44 -7.32 24.67
C VAL B 12 8.40 -6.74 23.74
N ILE B 13 8.88 -5.98 22.77
CA ILE B 13 8.05 -5.37 21.75
C ILE B 13 8.15 -6.21 20.49
N THR B 14 7.01 -6.71 19.99
CA THR B 14 6.98 -7.61 18.85
C THR B 14 6.25 -7.00 17.67
N GLY B 15 5.63 -5.81 17.81
CA GLY B 15 4.76 -5.30 16.79
C GLY B 15 4.54 -3.80 17.04
N MET B 16 4.54 -2.99 15.99
CA MET B 16 4.31 -1.56 16.14
C MET B 16 3.43 -1.07 15.02
N GLY B 17 2.64 -0.02 15.30
CA GLY B 17 1.75 0.59 14.34
C GLY B 17 1.58 2.09 14.59
N MET B 18 1.29 2.86 13.54
CA MET B 18 1.25 4.31 13.69
C MET B 18 0.51 5.04 12.57
N LEU B 19 -0.24 6.08 12.94
CA LEU B 19 -0.60 7.19 12.11
C LEU B 19 0.06 8.45 12.67
N SER B 20 0.71 9.25 11.81
CA SER B 20 1.29 10.48 12.30
C SER B 20 1.26 11.53 11.20
N PRO B 21 1.60 12.80 11.53
CA PRO B 21 1.71 13.82 10.49
C PRO B 21 2.78 13.52 9.45
N LEU B 22 3.69 12.59 9.74
CA LEU B 22 4.73 12.21 8.81
C LEU B 22 4.41 11.02 7.94
N GLY B 23 3.35 10.26 8.23
CA GLY B 23 3.13 9.04 7.46
C GLY B 23 1.97 8.22 8.00
N LEU B 24 1.48 7.28 7.18
CA LEU B 24 0.37 6.42 7.54
C LEU B 24 0.78 5.07 8.10
N ASP B 25 2.04 4.88 8.37
CA ASP B 25 2.56 3.67 9.01
C ASP B 25 3.86 4.04 9.66
N VAL B 26 4.47 3.08 10.33
CA VAL B 26 5.70 3.27 11.02
C VAL B 26 6.84 3.56 10.02
N PRO B 27 7.08 2.75 8.98
N PRO B 27 7.12 2.69 9.01
CA PRO B 27 8.25 3.00 8.14
CA PRO B 27 8.20 2.97 8.06
C PRO B 27 8.21 4.37 7.46
C PRO B 27 8.20 4.37 7.45
N SER B 28 7.04 4.82 6.98
CA SER B 28 6.92 6.11 6.34
C SER B 28 7.15 7.27 7.32
N SER B 29 6.59 7.16 8.53
CA SER B 29 6.89 8.12 9.60
C SER B 29 8.35 8.19 9.96
N TRP B 30 9.02 7.03 10.16
CA TRP B 30 10.37 6.98 10.59
C TRP B 30 11.31 7.54 9.52
N GLU B 31 10.99 7.25 8.25
CA GLU B 31 11.72 7.84 7.14
C GLU B 31 11.72 9.37 7.26
N GLY B 32 10.54 9.96 7.49
CA GLY B 32 10.36 11.37 7.72
C GLY B 32 11.20 11.88 8.89
N ILE B 33 11.18 11.13 10.02
CA ILE B 33 11.89 11.57 11.22
C ILE B 33 13.39 11.67 10.93
N LEU B 34 13.95 10.64 10.27
CA LEU B 34 15.37 10.59 10.02
C LEU B 34 15.78 11.59 8.96
N ALA B 35 14.86 12.04 8.13
CA ALA B 35 15.20 13.06 7.15
C ALA B 35 14.95 14.47 7.71
N GLY B 36 14.47 14.64 8.93
CA GLY B 36 14.28 15.99 9.41
C GLY B 36 13.06 16.66 8.83
N ARG B 37 12.08 15.87 8.33
CA ARG B 37 10.93 16.41 7.65
CA ARG B 37 10.93 16.39 7.64
C ARG B 37 9.91 16.86 8.68
N SER B 38 9.27 18.01 8.42
CA SER B 38 8.18 18.50 9.24
C SER B 38 6.88 17.92 8.70
N GLY B 39 5.99 17.57 9.63
CA GLY B 39 4.64 17.18 9.26
C GLY B 39 3.60 18.28 9.43
N ILE B 40 4.03 19.53 9.71
CA ILE B 40 3.17 20.58 10.19
C ILE B 40 2.73 21.40 8.99
N ALA B 41 1.45 21.76 8.91
CA ALA B 41 1.00 22.52 7.74
C ALA B 41 -0.26 23.26 8.11
N PRO B 42 -0.66 24.31 7.33
CA PRO B 42 -1.95 24.95 7.58
C PRO B 42 -3.08 23.91 7.49
N ILE B 43 -4.01 23.99 8.44
CA ILE B 43 -5.07 22.99 8.55
C ILE B 43 -6.08 23.21 7.43
N GLU B 44 -6.44 22.14 6.72
CA GLU B 44 -7.31 22.18 5.54
C GLU B 44 -8.76 21.77 5.83
N HIS B 45 -9.02 21.03 6.91
CA HIS B 45 -10.31 20.38 7.11
C HIS B 45 -11.27 21.32 7.79
N MET B 46 -10.85 22.48 8.31
CA MET B 46 -11.81 23.47 8.81
C MET B 46 -11.28 24.88 8.56
N ASP B 47 -12.17 25.86 8.72
CA ASP B 47 -11.88 27.25 8.46
C ASP B 47 -11.47 27.87 9.79
N LEU B 48 -10.17 28.22 9.90
CA LEU B 48 -9.61 28.72 11.15
C LEU B 48 -9.31 30.22 11.12
N SER B 49 -10.10 31.00 10.35
CA SER B 49 -9.84 32.44 10.18
C SER B 49 -10.02 33.23 11.48
N ALA B 50 -10.85 32.75 12.41
CA ALA B 50 -11.05 33.42 13.70
C ALA B 50 -10.06 33.01 14.79
N TYR B 51 -9.19 31.99 14.52
CA TYR B 51 -8.31 31.42 15.53
C TYR B 51 -6.91 32.02 15.38
N SER B 52 -6.19 32.13 16.50
CA SER B 52 -4.84 32.65 16.52
C SER B 52 -3.82 31.60 16.04
N THR B 53 -4.21 30.31 15.93
CA THR B 53 -3.37 29.29 15.35
C THR B 53 -4.14 28.62 14.23
N ARG B 54 -3.54 28.46 13.05
CA ARG B 54 -4.22 27.94 11.88
C ARG B 54 -3.46 26.81 11.23
N PHE B 55 -2.52 26.21 11.95
CA PHE B 55 -1.74 25.12 11.41
C PHE B 55 -1.66 24.05 12.50
N GLY B 56 -1.15 22.89 12.11
CA GLY B 56 -1.12 21.75 13.00
C GLY B 56 -0.52 20.58 12.26
N GLY B 57 -0.33 19.46 12.98
CA GLY B 57 0.07 18.23 12.35
C GLY B 57 -1.15 17.35 12.08
N SER B 58 -1.57 17.25 10.80
CA SER B 58 -2.68 16.40 10.40
C SER B 58 -2.20 15.08 9.85
N VAL B 59 -3.05 14.03 9.97
CA VAL B 59 -2.83 12.79 9.28
C VAL B 59 -3.31 13.03 7.85
N LYS B 60 -2.44 12.71 6.88
CA LYS B 60 -2.77 13.01 5.49
C LYS B 60 -3.10 11.74 4.72
N GLY B 61 -4.27 11.72 4.07
CA GLY B 61 -4.64 10.68 3.14
C GLY B 61 -5.12 9.41 3.84
N PHE B 62 -5.60 9.53 5.09
CA PHE B 62 -5.95 8.32 5.81
C PHE B 62 -7.22 7.73 5.18
N ASN B 63 -7.19 6.43 4.94
CA ASN B 63 -8.34 5.70 4.46
C ASN B 63 -8.75 4.64 5.47
N VAL B 64 -9.78 5.00 6.26
CA VAL B 64 -10.33 4.09 7.27
C VAL B 64 -10.81 2.75 6.65
N GLU B 65 -11.12 2.69 5.34
CA GLU B 65 -11.54 1.42 4.73
C GLU B 65 -10.45 0.39 4.53
N GLU B 66 -9.18 0.76 4.68
CA GLU B 66 -8.12 -0.21 4.82
C GLU B 66 -8.26 -1.07 6.08
N TYR B 67 -9.03 -0.58 7.07
CA TYR B 67 -9.09 -1.23 8.37
C TYR B 67 -10.50 -1.73 8.70
N LEU B 68 -11.49 -0.95 8.33
CA LEU B 68 -12.87 -1.16 8.73
C LEU B 68 -13.75 -0.98 7.51
N SER B 69 -14.87 -1.71 7.47
CA SER B 69 -15.93 -1.34 6.56
C SER B 69 -16.37 0.10 6.77
N ALA B 70 -16.92 0.70 5.70
CA ALA B 70 -17.48 2.02 5.77
C ALA B 70 -18.66 2.12 6.76
N LYS B 71 -19.42 1.00 6.90
CA LYS B 71 -20.56 0.92 7.83
C LYS B 71 -20.06 1.21 9.25
N GLU B 72 -19.10 0.38 9.71
CA GLU B 72 -18.46 0.47 11.03
C GLU B 72 -17.90 1.88 11.25
N ALA B 73 -17.14 2.41 10.27
CA ALA B 73 -16.35 3.62 10.47
C ALA B 73 -17.20 4.88 10.71
N ARG B 74 -18.38 4.98 10.08
CA ARG B 74 -19.26 6.15 10.17
C ARG B 74 -19.75 6.39 11.61
N LYS B 75 -19.76 5.35 12.43
CA LYS B 75 -20.15 5.41 13.83
C LYS B 75 -19.03 5.89 14.76
N LEU B 76 -17.76 5.98 14.31
CA LEU B 76 -16.61 6.15 15.20
C LEU B 76 -16.00 7.52 14.98
N ASP B 77 -15.72 8.26 16.07
CA ASP B 77 -14.91 9.47 16.02
C ASP B 77 -13.55 9.14 15.41
N LEU B 78 -12.95 10.15 14.77
CA LEU B 78 -11.63 9.95 14.20
C LEU B 78 -10.62 9.43 15.20
N PHE B 79 -10.69 9.78 16.48
CA PHE B 79 -9.66 9.33 17.39
C PHE B 79 -9.74 7.84 17.48
N ILE B 80 -10.97 7.28 17.42
CA ILE B 80 -11.15 5.83 17.44
C ILE B 80 -10.63 5.19 16.16
N GLN B 81 -10.96 5.78 15.04
CA GLN B 81 -10.45 5.29 13.76
C GLN B 81 -8.95 5.19 13.74
N TYR B 82 -8.30 6.25 14.28
CA TYR B 82 -6.84 6.29 14.28
C TYR B 82 -6.26 5.28 15.23
N GLY B 83 -6.87 5.19 16.42
CA GLY B 83 -6.36 4.21 17.37
C GLY B 83 -6.49 2.76 16.82
N LEU B 84 -7.61 2.47 16.20
CA LEU B 84 -7.81 1.13 15.64
C LEU B 84 -6.81 0.87 14.51
N ALA B 85 -6.57 1.89 13.68
CA ALA B 85 -5.61 1.72 12.58
C ALA B 85 -4.24 1.34 13.10
N ALA B 86 -3.75 2.08 14.12
CA ALA B 86 -2.45 1.81 14.67
C ALA B 86 -2.44 0.41 15.28
N SER B 87 -3.52 0.09 16.04
CA SER B 87 -3.62 -1.19 16.73
C SER B 87 -3.60 -2.33 15.71
N PHE B 88 -4.41 -2.21 14.70
CA PHE B 88 -4.43 -3.27 13.69
C PHE B 88 -3.09 -3.42 12.97
N GLN B 89 -2.40 -2.28 12.70
CA GLN B 89 -1.06 -2.37 12.13
C GLN B 89 -0.12 -3.12 13.05
N ALA B 90 -0.09 -2.77 14.36
CA ALA B 90 0.78 -3.43 15.30
C ALA B 90 0.50 -4.93 15.37
N VAL B 91 -0.78 -5.31 15.47
CA VAL B 91 -1.11 -6.73 15.66
C VAL B 91 -0.62 -7.55 14.43
N ARG B 92 -0.89 -7.03 13.24
CA ARG B 92 -0.42 -7.63 11.99
C ARG B 92 1.10 -7.71 11.96
N ASP B 93 1.77 -6.62 12.37
CA ASP B 93 3.20 -6.55 12.43
C ASP B 93 3.79 -7.57 13.35
N SER B 94 3.09 -7.90 14.49
CA SER B 94 3.60 -8.86 15.46
C SER B 94 3.62 -10.31 14.92
N GLY B 95 2.75 -10.61 13.98
CA GLY B 95 2.52 -11.96 13.48
C GLY B 95 1.58 -12.77 14.36
N LEU B 96 1.08 -12.23 15.47
CA LEU B 96 0.39 -13.06 16.43
C LEU B 96 -0.90 -13.61 15.86
N GLU B 97 -1.14 -14.90 16.18
CA GLU B 97 -2.39 -15.56 15.80
C GLU B 97 -3.21 -15.75 17.07
N VAL B 98 -4.41 -15.19 17.07
CA VAL B 98 -5.30 -15.22 18.23
C VAL B 98 -6.12 -16.50 18.19
N THR B 99 -6.06 -17.32 19.26
CA THR B 99 -6.76 -18.60 19.34
C THR B 99 -7.47 -18.71 20.69
N ASP B 100 -8.24 -19.82 20.88
CA ASP B 100 -8.95 -20.08 22.12
C ASP B 100 -7.96 -20.30 23.25
N ALA B 101 -6.76 -20.83 22.89
CA ALA B 101 -5.75 -21.11 23.89
C ALA B 101 -5.11 -19.86 24.42
N ASN B 102 -5.16 -18.73 23.69
CA ASN B 102 -4.51 -17.51 24.18
C ASN B 102 -5.43 -16.26 24.25
N ARG B 103 -6.64 -16.25 23.70
CA ARG B 103 -7.37 -15.01 23.59
C ARG B 103 -7.70 -14.41 24.97
N GLU B 104 -7.76 -15.23 26.05
CA GLU B 104 -7.97 -14.69 27.39
C GLU B 104 -6.72 -14.03 27.96
N ARG B 105 -5.55 -14.26 27.31
CA ARG B 105 -4.26 -13.77 27.77
C ARG B 105 -3.76 -12.55 26.94
N ILE B 106 -4.62 -12.07 26.06
CA ILE B 106 -4.33 -10.94 25.19
C ILE B 106 -5.33 -9.82 25.50
N GLY B 107 -4.82 -8.68 25.96
CA GLY B 107 -5.65 -7.50 26.23
C GLY B 107 -5.24 -6.25 25.46
N VAL B 108 -5.83 -5.15 25.89
CA VAL B 108 -5.68 -3.89 25.19
C VAL B 108 -5.78 -2.73 26.19
N SER B 109 -4.84 -1.78 26.00
CA SER B 109 -4.80 -0.52 26.73
C SER B 109 -4.43 0.61 25.78
N MET B 110 -5.40 1.16 25.08
CA MET B 110 -5.24 2.28 24.16
C MET B 110 -6.00 3.45 24.78
N GLY B 111 -5.28 4.55 25.01
CA GLY B 111 -5.84 5.70 25.70
C GLY B 111 -6.02 6.90 24.77
N SER B 112 -6.53 7.98 25.35
CA SER B 112 -6.69 9.24 24.68
C SER B 112 -6.70 10.31 25.75
N GLY B 113 -6.17 11.49 25.41
CA GLY B 113 -6.18 12.61 26.35
C GLY B 113 -7.56 13.27 26.43
N ILE B 114 -8.22 13.46 25.27
CA ILE B 114 -9.43 14.27 25.15
C ILE B 114 -10.55 13.42 24.54
N GLY B 115 -10.20 12.47 23.68
CA GLY B 115 -11.19 11.58 23.09
C GLY B 115 -11.97 12.28 21.99
N GLY B 116 -13.27 11.97 21.89
CA GLY B 116 -14.07 12.23 20.69
C GLY B 116 -14.57 13.68 20.59
N LEU B 117 -13.64 14.65 20.63
CA LEU B 117 -14.01 16.05 20.74
C LEU B 117 -14.75 16.52 19.49
N THR B 118 -14.30 16.07 18.30
CA THR B 118 -15.00 16.44 17.06
C THR B 118 -16.44 15.91 17.11
N ASN B 119 -16.63 14.62 17.47
CA ASN B 119 -17.98 14.07 17.56
C ASN B 119 -18.82 14.81 18.56
N ILE B 120 -18.25 15.13 19.71
CA ILE B 120 -18.97 15.92 20.71
C ILE B 120 -19.40 17.27 20.14
N GLU B 121 -18.48 17.96 19.45
CA GLU B 121 -18.75 19.29 18.92
C GLU B 121 -19.91 19.21 17.92
N ASN B 122 -19.88 18.22 17.02
CA ASN B 122 -20.92 18.06 16.02
C ASN B 122 -22.29 17.72 16.61
N ASN B 123 -22.33 16.81 17.59
CA ASN B 123 -23.58 16.47 18.24
C ASN B 123 -24.08 17.66 19.06
N CYS B 124 -23.18 18.47 19.61
CA CYS B 124 -23.52 19.66 20.38
C CYS B 124 -24.23 20.69 19.49
N ARG B 125 -23.75 20.84 18.25
CA ARG B 125 -24.38 21.75 17.30
C ARG B 125 -25.81 21.30 17.03
N SER B 126 -26.00 20.02 16.69
CA SER B 126 -27.31 19.45 16.46
C SER B 126 -28.25 19.64 17.64
N LEU B 127 -27.73 19.42 18.86
CA LEU B 127 -28.51 19.61 20.07
C LEU B 127 -28.99 21.05 20.16
N PHE B 128 -28.11 22.02 19.89
CA PHE B 128 -28.48 23.41 20.14
C PHE B 128 -29.44 23.98 19.11
N GLU B 129 -29.31 23.53 17.86
CA GLU B 129 -30.10 24.03 16.75
C GLU B 129 -31.47 23.39 16.79
N GLN B 130 -31.52 22.05 16.95
CA GLN B 130 -32.68 21.24 16.70
C GLN B 130 -33.11 20.34 17.88
N GLY B 131 -32.45 20.45 19.06
CA GLY B 131 -32.78 19.65 20.23
C GLY B 131 -32.30 18.20 20.19
N PRO B 132 -32.54 17.44 21.29
CA PRO B 132 -31.90 16.14 21.51
C PRO B 132 -32.29 15.02 20.61
N ARG B 133 -33.40 15.13 19.88
CA ARG B 133 -33.76 14.07 18.94
C ARG B 133 -32.79 14.07 17.74
N ARG B 134 -31.93 15.08 17.54
CA ARG B 134 -30.94 15.01 16.46
C ARG B 134 -29.65 14.27 16.85
N ILE B 135 -29.43 14.00 18.15
CA ILE B 135 -28.22 13.30 18.59
C ILE B 135 -28.16 11.93 17.95
N SER B 136 -26.99 11.54 17.49
CA SER B 136 -26.79 10.19 16.98
C SER B 136 -27.02 9.16 18.08
N PRO B 137 -27.65 8.00 17.76
CA PRO B 137 -27.66 6.84 18.66
C PRO B 137 -26.30 6.26 18.97
N PHE B 138 -25.34 6.47 18.06
CA PHE B 138 -23.96 5.97 18.19
C PHE B 138 -23.01 6.98 18.85
N PHE B 139 -23.53 8.11 19.30
CA PHE B 139 -22.77 9.20 19.85
C PHE B 139 -21.91 8.74 21.04
N VAL B 140 -22.51 8.10 22.03
CA VAL B 140 -21.75 7.73 23.22
C VAL B 140 -20.71 6.67 22.88
N PRO B 141 -21.06 5.47 22.34
CA PRO B 141 -20.08 4.43 22.09
C PRO B 141 -19.08 4.84 21.01
N GLY B 142 -19.43 5.85 20.20
CA GLY B 142 -18.53 6.32 19.15
C GLY B 142 -17.55 7.40 19.60
N SER B 143 -17.68 7.90 20.84
CA SER B 143 -16.97 9.10 21.30
C SER B 143 -16.13 8.91 22.56
N ILE B 144 -16.46 7.91 23.39
CA ILE B 144 -15.83 7.79 24.68
C ILE B 144 -14.49 7.08 24.51
N ILE B 145 -13.58 7.39 25.44
CA ILE B 145 -12.17 7.05 25.27
C ILE B 145 -11.86 5.56 25.28
N ASN B 146 -12.63 4.76 26.05
CA ASN B 146 -12.29 3.36 26.18
C ASN B 146 -12.73 2.54 24.97
N MET B 147 -13.31 3.16 23.95
CA MET B 147 -13.87 2.36 22.85
C MET B 147 -12.83 2.07 21.77
N VAL B 148 -11.60 2.57 21.86
CA VAL B 148 -10.52 1.96 21.09
C VAL B 148 -10.22 0.54 21.58
N SER B 149 -10.02 0.40 22.88
CA SER B 149 -9.82 -0.87 23.56
C SER B 149 -11.04 -1.73 23.28
N GLY B 150 -12.22 -1.13 23.41
CA GLY B 150 -13.48 -1.88 23.27
C GLY B 150 -13.64 -2.47 21.86
N PHE B 151 -13.57 -1.60 20.84
CA PHE B 151 -13.73 -2.05 19.45
C PHE B 151 -12.60 -2.96 19.01
N LEU B 152 -11.36 -2.72 19.45
CA LEU B 152 -10.30 -3.61 19.04
C LEU B 152 -10.54 -5.01 19.61
N SER B 153 -11.00 -5.08 20.86
CA SER B 153 -11.15 -6.37 21.54
C SER B 153 -12.22 -7.18 20.80
N ILE B 154 -13.25 -6.47 20.34
CA ILE B 154 -14.38 -7.07 19.65
C ILE B 154 -13.95 -7.52 18.26
N HIS B 155 -13.21 -6.68 17.54
CA HIS B 155 -12.76 -7.04 16.19
C HIS B 155 -11.78 -8.19 16.20
N LEU B 156 -10.88 -8.32 17.19
CA LEU B 156 -9.87 -9.38 17.20
C LEU B 156 -10.18 -10.51 18.16
N GLY B 157 -11.28 -10.43 18.94
CA GLY B 157 -11.65 -11.49 19.88
C GLY B 157 -10.75 -11.54 21.08
N LEU B 158 -10.31 -10.34 21.58
CA LEU B 158 -9.33 -10.33 22.63
C LEU B 158 -10.09 -10.26 23.97
N GLN B 159 -9.72 -11.13 24.90
CA GLN B 159 -10.54 -11.28 26.10
C GLN B 159 -9.82 -10.95 27.37
N GLY B 160 -8.58 -10.48 27.23
CA GLY B 160 -7.73 -10.15 28.37
C GLY B 160 -8.05 -8.77 28.94
N PRO B 161 -7.19 -8.23 29.84
CA PRO B 161 -7.44 -6.93 30.48
C PRO B 161 -7.75 -5.87 29.42
N ASN B 162 -8.85 -5.16 29.65
CA ASN B 162 -9.37 -4.23 28.67
C ASN B 162 -9.64 -2.89 29.35
N TYR B 163 -8.82 -1.88 29.08
CA TYR B 163 -8.97 -0.59 29.74
C TYR B 163 -8.34 0.52 28.91
N ALA B 164 -8.45 1.73 29.43
CA ALA B 164 -7.97 2.94 28.81
C ALA B 164 -7.55 3.98 29.84
N LEU B 165 -6.35 4.49 29.67
CA LEU B 165 -5.76 5.57 30.46
C LEU B 165 -6.15 6.89 29.80
N THR B 166 -6.34 7.93 30.62
CA THR B 166 -6.44 9.30 30.10
C THR B 166 -5.64 10.20 31.05
N THR B 167 -4.41 10.50 30.70
CA THR B 167 -3.49 11.33 31.48
C THR B 167 -2.82 12.39 30.63
N ALA B 168 -3.68 13.10 29.91
CA ALA B 168 -3.30 14.22 29.10
C ALA B 168 -2.14 13.79 28.23
N ALA B 169 -1.08 14.58 28.20
CA ALA B 169 0.02 14.27 27.30
C ALA B 169 0.85 13.07 27.75
N THR B 170 0.63 12.51 28.93
CA THR B 170 1.27 11.31 29.41
C THR B 170 0.57 10.03 28.99
N THR B 171 -0.63 10.11 28.41
CA THR B 171 -1.49 8.97 28.17
C THR B 171 -0.76 7.82 27.49
N GLY B 172 -0.03 8.12 26.43
CA GLY B 172 0.48 7.02 25.61
C GLY B 172 1.58 6.28 26.38
N THR B 173 2.34 7.05 27.19
CA THR B 173 3.42 6.53 27.98
C THR B 173 2.85 5.67 29.12
N HIS B 174 1.83 6.15 29.80
CA HIS B 174 1.23 5.41 30.89
C HIS B 174 0.57 4.16 30.35
N SER B 175 -0.06 4.26 29.19
CA SER B 175 -0.77 3.11 28.61
C SER B 175 0.19 1.95 28.39
N ILE B 176 1.33 2.25 27.73
CA ILE B 176 2.35 1.23 27.50
C ILE B 176 2.91 0.68 28.78
N GLY B 177 3.29 1.52 29.73
CA GLY B 177 3.91 1.11 30.97
C GLY B 177 3.00 0.19 31.79
N MET B 178 1.73 0.55 31.89
CA MET B 178 0.79 -0.25 32.67
C MET B 178 0.39 -1.51 31.97
N ALA B 179 0.41 -1.53 30.65
CA ALA B 179 0.23 -2.76 29.93
C ALA B 179 1.41 -3.70 30.18
N ALA B 180 2.64 -3.16 30.22
CA ALA B 180 3.81 -3.96 30.52
C ALA B 180 3.74 -4.56 31.94
N ARG B 181 3.22 -3.82 32.89
CA ARG B 181 2.97 -4.34 34.23
C ARG B 181 1.98 -5.51 34.24
N ASN B 182 0.90 -5.41 33.46
CA ASN B 182 -0.02 -6.53 33.32
C ASN B 182 0.73 -7.81 32.95
N ILE B 183 1.60 -7.71 31.96
CA ILE B 183 2.32 -8.86 31.47
C ILE B 183 3.34 -9.34 32.49
N ALA B 184 4.11 -8.43 33.05
CA ALA B 184 5.14 -8.71 34.02
C ALA B 184 4.57 -9.49 35.19
N TYR B 185 3.30 -9.24 35.52
CA TYR B 185 2.75 -9.81 36.73
C TYR B 185 1.80 -10.96 36.45
N GLY B 186 1.58 -11.34 35.20
CA GLY B 186 0.86 -12.56 34.86
C GLY B 186 -0.63 -12.37 34.58
N GLU B 187 -1.13 -11.11 34.58
CA GLU B 187 -2.50 -10.85 34.19
C GLU B 187 -2.70 -11.03 32.69
N ALA B 188 -1.60 -11.05 31.90
CA ALA B 188 -1.73 -11.20 30.47
C ALA B 188 -0.35 -11.61 29.91
N ASP B 189 -0.36 -12.22 28.76
CA ASP B 189 0.88 -12.55 28.06
C ASP B 189 1.15 -11.56 26.91
N VAL B 190 0.09 -10.96 26.37
CA VAL B 190 0.20 -9.99 25.27
C VAL B 190 -0.73 -8.82 25.59
N MET B 191 -0.27 -7.59 25.26
CA MET B 191 -1.12 -6.41 25.33
C MET B 191 -0.85 -5.55 24.12
N VAL B 192 -1.90 -4.99 23.57
CA VAL B 192 -1.84 -3.91 22.59
C VAL B 192 -2.00 -2.61 23.34
N ALA B 193 -0.97 -1.74 23.32
CA ALA B 193 -1.00 -0.55 24.13
C ALA B 193 -0.51 0.66 23.33
N GLY B 194 -1.02 1.83 23.69
CA GLY B 194 -0.59 3.10 23.09
C GLY B 194 -1.71 4.13 23.24
N GLY B 195 -1.89 4.97 22.21
CA GLY B 195 -2.77 6.08 22.37
C GLY B 195 -3.13 6.70 21.04
N SER B 196 -4.23 7.45 21.06
CA SER B 196 -4.63 8.19 19.86
C SER B 196 -5.29 9.49 20.25
N GLU B 197 -5.29 10.41 19.28
CA GLU B 197 -5.87 11.71 19.52
C GLU B 197 -6.24 12.34 18.19
N MET B 198 -7.34 13.08 18.22
CA MET B 198 -7.75 13.94 17.12
CA MET B 198 -7.68 13.95 17.13
C MET B 198 -8.46 15.11 17.77
N ALA B 199 -7.71 16.14 18.19
CA ALA B 199 -8.33 17.25 18.89
C ALA B 199 -8.37 18.49 18.00
N ALA B 200 -8.08 18.34 16.70
CA ALA B 200 -8.07 19.47 15.76
C ALA B 200 -9.50 19.79 15.33
N CYS B 201 -10.25 20.37 16.26
CA CYS B 201 -11.57 20.91 15.98
C CYS B 201 -11.58 22.27 16.66
N GLY B 202 -12.67 23.04 16.52
CA GLY B 202 -12.74 24.35 17.18
C GLY B 202 -12.56 24.36 18.70
N LEU B 203 -13.16 23.40 19.42
CA LEU B 203 -12.95 23.38 20.86
C LEU B 203 -11.49 23.11 21.19
N GLY B 204 -10.81 22.29 20.37
CA GLY B 204 -9.44 21.95 20.66
C GLY B 204 -8.53 23.15 20.44
N LEU B 205 -8.54 23.66 19.22
CA LEU B 205 -7.73 24.81 18.89
C LEU B 205 -8.12 26.01 19.74
N GLY B 206 -9.44 26.22 19.91
CA GLY B 206 -9.89 27.32 20.72
C GLY B 206 -9.55 27.14 22.19
N GLY B 207 -9.63 25.89 22.70
CA GLY B 207 -9.33 25.65 24.09
C GLY B 207 -7.86 25.82 24.45
N PHE B 208 -6.96 25.24 23.63
CA PHE B 208 -5.56 25.47 23.87
C PHE B 208 -5.14 26.89 23.57
N GLY B 209 -5.71 27.50 22.56
CA GLY B 209 -5.45 28.89 22.25
C GLY B 209 -5.91 29.85 23.34
N ALA B 210 -7.08 29.58 23.95
CA ALA B 210 -7.58 30.38 25.06
C ALA B 210 -6.59 30.37 26.19
N ALA B 211 -5.84 29.26 26.37
CA ALA B 211 -4.78 29.19 27.37
C ALA B 211 -3.45 29.83 26.90
N ARG B 212 -3.40 30.37 25.67
CA ARG B 212 -2.20 30.89 25.05
C ARG B 212 -1.08 29.83 25.08
N ALA B 213 -1.44 28.54 24.89
CA ALA B 213 -0.42 27.50 24.97
C ALA B 213 0.13 27.14 23.59
N LEU B 214 -0.49 27.55 22.51
CA LEU B 214 -0.08 27.16 21.17
C LEU B 214 0.85 28.20 20.56
N SER B 215 1.83 27.71 19.77
CA SER B 215 2.53 28.57 18.86
C SER B 215 1.54 29.26 17.95
N THR B 216 1.87 30.53 17.63
CA THR B 216 1.09 31.35 16.73
C THR B 216 1.90 31.70 15.49
N ARG B 217 2.90 30.89 15.10
CA ARG B 217 3.76 31.21 13.96
C ARG B 217 3.10 30.74 12.67
N ASN B 218 2.00 31.39 12.30
CA ASN B 218 1.17 30.98 11.17
C ASN B 218 1.90 31.19 9.84
N ASP B 219 2.81 32.15 9.81
CA ASP B 219 3.60 32.49 8.62
C ASP B 219 4.57 31.38 8.23
N GLU B 220 5.09 30.59 9.20
CA GLU B 220 6.07 29.54 8.92
C GLU B 220 5.75 28.30 9.78
N PRO B 221 4.69 27.51 9.46
CA PRO B 221 4.25 26.42 10.36
C PRO B 221 5.35 25.41 10.62
N THR B 222 6.17 25.14 9.61
CA THR B 222 7.22 24.13 9.74
C THR B 222 8.31 24.56 10.73
N ARG B 223 8.39 25.86 11.04
CA ARG B 223 9.38 26.38 11.99
C ARG B 223 8.80 26.58 13.39
N ALA B 224 7.50 26.27 13.63
CA ALA B 224 6.80 26.72 14.82
C ALA B 224 7.24 25.89 16.02
N SER B 225 7.30 24.57 15.82
CA SER B 225 7.75 23.65 16.87
C SER B 225 9.27 23.63 16.93
N ARG B 226 9.82 24.24 17.97
CA ARG B 226 11.26 24.43 18.11
C ARG B 226 11.66 24.26 19.56
N PRO B 227 11.64 22.98 20.02
CA PRO B 227 12.03 22.67 21.38
C PRO B 227 13.44 23.17 21.72
N TRP B 228 13.54 23.82 22.86
CA TRP B 228 14.75 24.38 23.46
C TRP B 228 15.30 25.59 22.69
N ASP B 229 14.62 26.07 21.65
CA ASP B 229 15.04 27.23 20.89
C ASP B 229 14.58 28.46 21.63
N ARG B 230 15.44 29.52 21.67
CA ARG B 230 15.07 30.69 22.44
C ARG B 230 13.84 31.43 21.92
N ASP B 231 13.40 31.19 20.69
CA ASP B 231 12.23 31.86 20.13
C ASP B 231 10.98 30.96 20.18
N ARG B 232 11.02 29.83 20.88
CA ARG B 232 9.84 29.00 21.03
C ARG B 232 8.70 29.82 21.65
N ASP B 233 7.46 29.52 21.24
CA ASP B 233 6.29 30.26 21.69
C ASP B 233 5.08 29.34 21.87
N GLY B 234 5.31 28.07 22.21
CA GLY B 234 4.19 27.17 22.47
C GLY B 234 4.15 25.99 21.51
N PHE B 235 3.31 25.04 21.88
CA PHE B 235 3.36 23.75 21.22
C PHE B 235 2.56 23.85 19.94
N VAL B 236 2.72 22.80 19.13
CA VAL B 236 1.98 22.59 17.91
C VAL B 236 1.08 21.37 18.07
N LEU B 237 -0.19 21.57 17.78
CA LEU B 237 -1.22 20.54 17.95
C LEU B 237 -1.23 19.61 16.75
N SER B 238 -1.08 18.33 17.05
CA SER B 238 -1.01 17.29 16.07
C SER B 238 -1.94 16.13 16.45
N ASP B 239 -2.23 15.34 15.41
CA ASP B 239 -3.13 14.21 15.47
C ASP B 239 -2.38 12.90 15.15
N GLY B 240 -3.00 11.78 15.57
CA GLY B 240 -2.59 10.46 15.12
C GLY B 240 -2.63 9.45 16.25
N SER B 241 -1.77 8.43 16.13
CA SER B 241 -1.87 7.28 17.00
C SER B 241 -0.60 6.46 16.91
N GLY B 242 -0.36 5.78 17.99
CA GLY B 242 0.65 4.76 18.03
C GLY B 242 0.21 3.59 18.88
N ALA B 243 0.61 2.39 18.46
CA ALA B 243 0.29 1.15 19.16
C ALA B 243 1.49 0.23 19.12
N LEU B 244 1.76 -0.39 20.27
CA LEU B 244 2.77 -1.42 20.32
C LEU B 244 2.08 -2.72 20.78
N VAL B 245 2.60 -3.85 20.26
CA VAL B 245 2.31 -5.16 20.84
C VAL B 245 3.43 -5.50 21.77
N LEU B 246 3.06 -5.57 23.06
CA LEU B 246 3.93 -5.97 24.14
C LEU B 246 3.66 -7.46 24.38
N GLU B 247 4.71 -8.23 24.72
CA GLU B 247 4.62 -9.68 24.76
C GLU B 247 5.58 -10.25 25.78
N GLU B 248 5.12 -11.29 26.53
CA GLU B 248 6.02 -11.93 27.46
C GLU B 248 7.16 -12.62 26.65
N LEU B 249 8.36 -12.58 27.17
CA LEU B 249 9.56 -12.96 26.41
C LEU B 249 9.48 -14.44 26.04
N GLU B 250 9.23 -15.33 27.03
CA GLU B 250 9.16 -16.77 26.75
C GLU B 250 8.04 -17.03 25.74
N HIS B 251 6.90 -16.33 25.85
CA HIS B 251 5.82 -16.44 24.89
C HIS B 251 6.27 -16.04 23.49
N ALA B 252 7.05 -14.95 23.38
CA ALA B 252 7.49 -14.48 22.06
C ALA B 252 8.51 -15.48 21.49
N ARG B 253 9.50 -15.83 22.29
CA ARG B 253 10.51 -16.84 21.91
C ARG B 253 9.87 -18.14 21.41
N ALA B 254 8.87 -18.62 22.17
CA ALA B 254 8.24 -19.90 21.86
C ALA B 254 7.47 -19.83 20.54
N ARG B 255 6.98 -18.67 20.08
CA ARG B 255 6.34 -18.67 18.77
C ARG B 255 7.30 -18.16 17.68
N GLY B 256 8.58 -17.94 18.01
CA GLY B 256 9.55 -17.40 17.07
C GLY B 256 9.23 -15.99 16.59
N ALA B 257 8.85 -15.09 17.50
CA ALA B 257 8.47 -13.75 17.12
C ALA B 257 9.72 -12.89 16.91
N ARG B 258 9.60 -12.00 15.92
CA ARG B 258 10.59 -10.95 15.69
CA ARG B 258 10.57 -10.93 15.67
C ARG B 258 10.47 -9.92 16.82
N ILE B 259 11.53 -9.76 17.59
CA ILE B 259 11.54 -8.89 18.74
C ILE B 259 12.28 -7.61 18.35
N TYR B 260 11.67 -6.44 18.52
CA TYR B 260 12.34 -5.17 18.21
C TYR B 260 13.26 -4.74 19.34
N ALA B 261 12.78 -4.86 20.58
CA ALA B 261 13.43 -4.31 21.70
C ALA B 261 12.77 -4.86 22.96
N GLU B 262 13.41 -4.64 24.07
CA GLU B 262 12.86 -5.07 25.34
C GLU B 262 12.42 -3.81 26.09
N LEU B 263 11.25 -3.91 26.73
CA LEU B 263 10.78 -2.84 27.62
C LEU B 263 11.18 -3.22 29.03
N VAL B 264 12.10 -2.46 29.60
CA VAL B 264 12.79 -2.85 30.80
C VAL B 264 12.39 -1.97 31.95
N GLY B 265 11.90 -0.74 31.72
CA GLY B 265 11.58 0.06 32.86
C GLY B 265 10.42 1.01 32.60
N PHE B 266 9.64 1.24 33.67
CA PHE B 266 8.53 2.18 33.63
C PHE B 266 8.49 2.92 34.96
N GLY B 267 8.49 4.25 34.90
CA GLY B 267 8.39 5.11 36.04
C GLY B 267 7.23 6.08 35.92
N MET B 268 6.75 6.49 37.09
CA MET B 268 5.72 7.50 37.21
CA MET B 268 5.70 7.48 37.22
C MET B 268 6.02 8.43 38.37
N SER B 269 5.51 9.62 38.27
CA SER B 269 5.54 10.55 39.39
C SER B 269 4.48 11.62 39.17
N GLY B 270 4.21 12.37 40.24
CA GLY B 270 3.48 13.60 40.18
C GLY B 270 4.36 14.76 40.65
N ASP B 271 4.28 15.87 39.97
CA ASP B 271 4.96 17.07 40.40
C ASP B 271 4.34 17.58 41.71
N ALA B 272 3.00 17.51 41.81
CA ALA B 272 2.26 18.18 42.89
C ALA B 272 2.64 19.66 42.98
N PHE B 273 2.62 20.37 41.86
CA PHE B 273 3.13 21.72 41.74
C PHE B 273 2.09 22.68 41.16
N HIS B 274 1.69 22.53 39.90
CA HIS B 274 0.82 23.44 39.17
C HIS B 274 0.04 22.68 38.08
N MET B 275 -1.13 23.21 37.73
CA MET B 275 -2.08 22.51 36.86
C MET B 275 -1.51 22.37 35.45
N THR B 276 -0.67 23.31 34.97
CA THR B 276 -0.17 23.24 33.59
C THR B 276 1.35 23.41 33.44
N ALA B 277 2.00 24.13 34.37
CA ALA B 277 3.43 24.42 34.28
C ALA B 277 4.21 23.49 35.22
N PRO B 278 5.37 22.96 34.79
CA PRO B 278 6.18 22.13 35.69
C PRO B 278 7.01 23.05 36.58
N PRO B 279 7.59 22.56 37.69
CA PRO B 279 8.54 23.37 38.47
C PRO B 279 9.82 23.59 37.63
N GLU B 280 10.52 24.70 37.91
CA GLU B 280 11.63 25.16 37.08
C GLU B 280 12.77 24.17 37.03
N ASP B 281 12.93 23.37 38.09
CA ASP B 281 14.00 22.40 38.19
C ASP B 281 13.59 21.02 37.65
N GLY B 282 12.34 20.87 37.16
CA GLY B 282 11.80 19.58 36.72
C GLY B 282 11.98 18.46 37.74
N ALA B 283 11.82 18.76 39.03
CA ALA B 283 12.06 17.80 40.08
C ALA B 283 11.17 16.56 39.91
N GLY B 284 9.92 16.74 39.51
CA GLY B 284 9.05 15.60 39.31
C GLY B 284 9.46 14.72 38.13
N ALA B 285 9.87 15.35 37.01
CA ALA B 285 10.46 14.62 35.87
C ALA B 285 11.71 13.83 36.29
N ALA B 286 12.54 14.41 37.19
CA ALA B 286 13.72 13.76 37.72
C ALA B 286 13.35 12.49 38.47
N ARG B 287 12.35 12.64 39.37
N ARG B 287 12.38 12.55 39.42
CA ARG B 287 11.92 11.51 40.19
CA ARG B 287 12.05 11.31 40.14
C ARG B 287 11.40 10.41 39.28
C ARG B 287 11.46 10.30 39.19
N CYS B 288 10.68 10.80 38.22
CA CYS B 288 10.11 9.88 37.26
C CYS B 288 11.15 9.08 36.52
N MET B 289 12.11 9.79 35.92
CA MET B 289 13.20 9.13 35.25
C MET B 289 13.95 8.17 36.20
N LYS B 290 14.29 8.60 37.39
CA LYS B 290 15.00 7.74 38.34
C LYS B 290 14.17 6.52 38.68
N ASN B 291 12.85 6.70 38.84
CA ASN B 291 12.00 5.52 39.09
C ASN B 291 12.04 4.53 37.97
N ALA B 292 12.04 5.04 36.69
CA ALA B 292 12.09 4.14 35.57
C ALA B 292 13.45 3.43 35.49
N LEU B 293 14.55 4.14 35.72
CA LEU B 293 15.89 3.50 35.65
C LEU B 293 16.07 2.48 36.78
N ARG B 294 15.54 2.80 37.96
CA ARG B 294 15.54 1.88 39.10
C ARG B 294 14.72 0.63 38.78
N ASP B 295 13.54 0.81 38.14
CA ASP B 295 12.70 -0.30 37.68
C ASP B 295 13.45 -1.18 36.70
N ALA B 296 14.27 -0.57 35.84
CA ALA B 296 14.99 -1.28 34.80
C ALA B 296 16.28 -1.93 35.29
N GLY B 297 16.69 -1.58 36.50
CA GLY B 297 17.95 -2.07 37.01
C GLY B 297 19.15 -1.41 36.32
N LEU B 298 19.02 -0.11 35.94
CA LEU B 298 20.03 0.57 35.13
C LEU B 298 20.52 1.78 35.90
N ASP B 299 21.83 2.03 35.71
CA ASP B 299 22.45 3.24 36.20
C ASP B 299 22.26 4.31 35.10
N PRO B 300 22.17 5.59 35.44
CA PRO B 300 22.02 6.66 34.45
C PRO B 300 23.07 6.64 33.35
N ARG B 301 24.27 6.14 33.68
CA ARG B 301 25.36 6.13 32.70
C ARG B 301 25.10 5.14 31.59
N GLN B 302 24.11 4.21 31.74
CA GLN B 302 23.85 3.24 30.71
C GLN B 302 22.88 3.80 29.64
N VAL B 303 22.33 5.00 29.83
CA VAL B 303 21.37 5.55 28.88
C VAL B 303 22.16 6.27 27.78
N ASP B 304 21.85 5.91 26.54
CA ASP B 304 22.50 6.54 25.40
C ASP B 304 21.63 7.60 24.74
N TYR B 305 20.30 7.39 24.70
CA TYR B 305 19.39 8.24 23.96
C TYR B 305 18.13 8.54 24.81
N ILE B 306 17.72 9.82 24.85
CA ILE B 306 16.46 10.22 25.45
C ILE B 306 15.59 10.84 24.35
N ASN B 307 14.41 10.26 24.16
CA ASN B 307 13.37 10.95 23.41
C ASN B 307 12.62 11.81 24.38
N ALA B 308 12.93 13.10 24.36
CA ALA B 308 12.44 14.05 25.32
C ALA B 308 10.96 14.26 25.09
N HIS B 309 10.26 14.71 26.13
CA HIS B 309 8.93 15.25 25.94
C HIS B 309 8.95 16.50 25.02
N GLY B 310 9.84 17.44 25.32
CA GLY B 310 10.21 18.60 24.53
C GLY B 310 9.10 19.22 23.69
N THR B 311 8.15 19.91 24.31
CA THR B 311 6.93 20.35 23.62
C THR B 311 7.04 21.68 22.91
N SER B 312 8.14 22.43 23.12
CA SER B 312 8.33 23.75 22.52
C SER B 312 7.64 24.83 23.35
N THR B 313 7.46 24.59 24.65
CA THR B 313 6.92 25.58 25.56
C THR B 313 8.07 26.23 26.31
N PRO B 314 7.93 27.52 26.69
CA PRO B 314 8.93 28.19 27.52
C PRO B 314 9.30 27.43 28.79
N ALA B 315 8.32 27.13 29.65
CA ALA B 315 8.63 26.52 30.95
C ALA B 315 8.96 25.03 30.86
N GLY B 316 8.23 24.30 30.02
CA GLY B 316 8.40 22.86 29.96
C GLY B 316 9.79 22.43 29.52
N ASP B 317 10.28 23.03 28.44
CA ASP B 317 11.51 22.57 27.83
C ASP B 317 12.67 22.73 28.80
N ILE B 318 12.77 23.90 29.45
CA ILE B 318 13.90 24.16 30.35
C ILE B 318 13.82 23.26 31.59
N ALA B 319 12.61 23.01 32.12
CA ALA B 319 12.45 22.03 33.19
C ALA B 319 13.01 20.66 32.86
N GLU B 320 12.84 20.20 31.59
CA GLU B 320 13.27 18.87 31.24
C GLU B 320 14.78 18.81 31.17
N ILE B 321 15.40 19.87 30.66
CA ILE B 321 16.87 19.99 30.70
C ILE B 321 17.36 19.90 32.14
N ALA B 322 16.73 20.69 33.05
CA ALA B 322 17.14 20.69 34.44
C ALA B 322 17.07 19.28 35.03
N ALA B 323 16.01 18.53 34.69
CA ALA B 323 15.79 17.22 35.26
C ALA B 323 16.82 16.23 34.75
N VAL B 324 17.12 16.31 33.44
CA VAL B 324 18.14 15.42 32.88
C VAL B 324 19.53 15.68 33.50
N LYS B 325 19.88 16.94 33.70
CA LYS B 325 21.17 17.27 34.30
C LYS B 325 21.21 16.75 35.76
N SER B 326 20.10 16.86 36.47
CA SER B 326 20.03 16.38 37.84
CA SER B 326 20.00 16.35 37.84
C SER B 326 20.19 14.86 37.89
N VAL B 327 19.48 14.10 37.03
CA VAL B 327 19.54 12.67 37.04
C VAL B 327 20.87 12.17 36.52
N PHE B 328 21.36 12.76 35.43
CA PHE B 328 22.43 12.12 34.66
C PHE B 328 23.81 12.70 35.02
N GLY B 329 23.87 13.83 35.68
CA GLY B 329 25.16 14.41 36.10
C GLY B 329 26.04 14.65 34.85
N GLU B 330 27.32 14.27 34.93
CA GLU B 330 28.25 14.49 33.83
C GLU B 330 27.80 13.73 32.59
N HIS B 331 27.19 12.55 32.78
CA HIS B 331 26.70 11.77 31.68
C HIS B 331 25.64 12.51 30.85
N ALA B 332 25.07 13.59 31.35
CA ALA B 332 24.09 14.34 30.59
C ALA B 332 24.71 14.89 29.30
N HIS B 333 26.04 15.12 29.32
CA HIS B 333 26.80 15.62 28.18
C HIS B 333 27.26 14.52 27.25
N ALA B 334 27.08 13.25 27.63
CA ALA B 334 27.47 12.13 26.77
C ALA B 334 26.29 11.54 26.00
N LEU B 335 25.11 11.43 26.64
CA LEU B 335 23.92 10.90 25.97
C LEU B 335 23.49 11.91 24.88
N SER B 336 22.63 11.44 23.97
CA SER B 336 21.97 12.30 23.00
C SER B 336 20.51 12.39 23.38
N MET B 337 19.96 13.60 23.30
CA MET B 337 18.57 13.80 23.66
C MET B 337 17.90 14.61 22.56
N SER B 338 16.76 14.16 22.06
CA SER B 338 16.08 14.93 21.04
C SER B 338 14.57 14.95 21.26
N SER B 339 13.94 15.96 20.68
CA SER B 339 12.49 16.01 20.64
C SER B 339 12.05 15.85 19.21
N THR B 340 11.36 14.71 18.95
CA THR B 340 10.77 14.47 17.67
C THR B 340 9.51 15.31 17.46
N LYS B 341 9.04 15.98 18.55
CA LYS B 341 7.97 16.93 18.35
C LYS B 341 8.37 18.13 17.51
N SER B 342 9.67 18.38 17.34
CA SER B 342 10.15 19.37 16.40
C SER B 342 9.59 19.13 15.01
N MET B 343 9.35 17.85 14.66
CA MET B 343 8.87 17.42 13.35
C MET B 343 7.40 17.01 13.35
N THR B 344 6.93 16.32 14.40
CA THR B 344 5.60 15.75 14.41
C THR B 344 4.60 16.71 15.04
N GLY B 345 5.09 17.69 15.83
CA GLY B 345 4.27 18.45 16.77
C GLY B 345 3.86 17.53 17.93
N HIS B 346 2.92 18.03 18.70
CA HIS B 346 2.52 17.38 19.96
C HIS B 346 1.21 16.62 19.71
N LEU B 347 1.36 15.30 19.67
CA LEU B 347 0.24 14.42 19.43
C LEU B 347 -0.55 14.12 20.72
N LEU B 348 -0.36 14.89 21.77
CA LEU B 348 -1.22 14.86 22.95
C LEU B 348 -1.24 13.45 23.53
N GLY B 349 -2.42 12.80 23.61
CA GLY B 349 -2.51 11.49 24.20
C GLY B 349 -1.78 10.40 23.41
N ALA B 350 -1.46 10.68 22.14
CA ALA B 350 -0.70 9.75 21.31
C ALA B 350 0.80 10.03 21.33
N ALA B 351 1.24 11.16 21.93
CA ALA B 351 2.63 11.55 21.82
C ALA B 351 3.55 10.48 22.41
N GLY B 352 3.21 9.98 23.62
CA GLY B 352 4.06 8.98 24.21
C GLY B 352 4.08 7.66 23.46
N ALA B 353 2.98 7.33 22.72
CA ALA B 353 2.94 6.09 21.99
C ALA B 353 3.86 6.20 20.74
N VAL B 354 3.70 7.25 19.97
CA VAL B 354 4.57 7.44 18.81
C VAL B 354 6.02 7.58 19.21
N GLU B 355 6.29 8.28 20.30
CA GLU B 355 7.66 8.49 20.71
C GLU B 355 8.29 7.24 21.31
N ALA B 356 7.49 6.32 21.87
CA ALA B 356 7.99 5.03 22.26
C ALA B 356 8.39 4.26 21.01
N ILE B 357 7.58 4.34 19.95
CA ILE B 357 7.96 3.68 18.70
C ILE B 357 9.29 4.30 18.16
N PHE B 358 9.42 5.62 18.19
CA PHE B 358 10.66 6.26 17.69
C PHE B 358 11.86 5.88 18.54
N SER B 359 11.63 5.69 19.84
CA SER B 359 12.67 5.19 20.71
C SER B 359 13.11 3.77 20.35
N VAL B 360 12.17 2.87 20.06
CA VAL B 360 12.48 1.49 19.72
C VAL B 360 13.25 1.47 18.39
N LEU B 361 12.83 2.27 17.43
CA LEU B 361 13.55 2.35 16.14
C LEU B 361 14.92 3.01 16.24
N ALA B 362 15.12 3.95 17.14
CA ALA B 362 16.46 4.46 17.38
C ALA B 362 17.41 3.33 17.82
N LEU B 363 16.87 2.37 18.61
CA LEU B 363 17.60 1.17 19.03
C LEU B 363 17.84 0.25 17.85
N ARG B 364 16.81 0.04 17.05
CA ARG B 364 16.95 -0.86 15.92
C ARG B 364 17.99 -0.28 14.95
N ASP B 365 17.87 1.01 14.65
CA ASP B 365 18.69 1.65 13.62
C ASP B 365 20.00 2.27 14.08
N GLN B 366 20.28 2.32 15.38
CA GLN B 366 21.42 3.02 15.96
C GLN B 366 21.58 4.44 15.39
N VAL B 367 20.58 5.27 15.63
CA VAL B 367 20.51 6.64 15.19
C VAL B 367 19.60 7.42 16.12
N ALA B 368 20.12 8.55 16.61
CA ALA B 368 19.40 9.54 17.36
C ALA B 368 18.71 10.48 16.38
N PRO B 369 17.36 10.53 16.40
CA PRO B 369 16.61 11.41 15.54
C PRO B 369 16.85 12.84 15.90
N PRO B 370 16.72 13.78 14.96
CA PRO B 370 17.07 15.17 15.25
C PRO B 370 16.04 15.98 16.02
N THR B 371 16.50 17.03 16.68
CA THR B 371 15.62 18.14 17.03
C THR B 371 15.74 19.16 15.90
N ILE B 372 14.78 19.20 14.99
CA ILE B 372 14.83 20.29 14.00
C ILE B 372 14.41 21.62 14.64
N ASN B 373 14.76 22.70 13.95
CA ASN B 373 14.44 24.08 14.28
C ASN B 373 15.25 24.62 15.46
N LEU B 374 16.26 23.91 15.95
CA LEU B 374 17.00 24.35 17.13
C LEU B 374 18.15 25.28 16.69
N ASP B 375 17.74 26.46 16.22
CA ASP B 375 18.63 27.42 15.60
C ASP B 375 19.47 28.10 16.68
N ASN B 376 18.83 28.53 17.78
CA ASN B 376 19.48 29.26 18.85
C ASN B 376 19.11 28.65 20.20
N PRO B 377 19.86 27.64 20.67
CA PRO B 377 19.52 27.03 21.99
C PRO B 377 19.46 28.05 23.08
N ASP B 378 18.42 27.94 23.91
CA ASP B 378 18.21 28.85 25.01
C ASP B 378 19.27 28.64 26.10
N GLU B 379 19.26 29.53 27.12
CA GLU B 379 20.13 29.44 28.29
C GLU B 379 19.99 28.06 28.97
N GLY B 380 21.14 27.43 29.15
CA GLY B 380 21.26 26.15 29.81
C GLY B 380 20.95 24.96 28.92
N CYS B 381 20.65 25.17 27.63
CA CYS B 381 20.29 24.08 26.74
C CYS B 381 21.51 23.66 25.92
N ASP B 382 22.51 23.09 26.62
CA ASP B 382 23.88 22.95 26.15
C ASP B 382 24.21 21.47 26.03
N LEU B 383 23.18 20.60 26.10
CA LEU B 383 23.39 19.19 25.93
C LEU B 383 23.51 18.88 24.44
N ASP B 384 23.82 17.63 24.12
CA ASP B 384 23.67 17.14 22.78
C ASP B 384 22.18 16.94 22.52
N LEU B 385 21.56 17.94 21.91
CA LEU B 385 20.15 17.91 21.55
C LEU B 385 19.94 17.48 20.10
N VAL B 386 21.00 16.96 19.44
CA VAL B 386 20.91 16.40 18.10
C VAL B 386 20.28 17.47 17.19
N ALA B 387 20.72 18.72 17.32
CA ALA B 387 20.14 19.79 16.50
C ALA B 387 20.23 19.47 15.00
N HIS B 388 19.13 19.69 14.28
CA HIS B 388 19.03 19.82 12.82
C HIS B 388 19.09 18.52 12.04
N GLU B 389 20.02 17.61 12.33
CA GLU B 389 20.31 16.42 11.54
C GLU B 389 20.41 15.14 12.43
N ALA B 390 19.87 14.02 11.99
CA ALA B 390 20.00 12.72 12.64
C ALA B 390 21.46 12.38 12.88
N LYS B 391 21.70 11.71 14.00
CA LYS B 391 23.04 11.38 14.41
C LYS B 391 23.17 9.87 14.66
N PRO B 392 23.76 9.10 13.73
CA PRO B 392 24.22 7.74 13.99
C PRO B 392 25.14 7.68 15.20
N ARG B 393 24.84 6.77 16.10
CA ARG B 393 25.69 6.54 17.27
C ARG B 393 25.27 5.22 17.90
N LYS B 394 26.03 4.77 18.92
CA LYS B 394 25.68 3.57 19.66
C LYS B 394 24.50 3.92 20.58
N ILE B 395 23.43 3.10 20.51
CA ILE B 395 22.31 3.20 21.45
C ILE B 395 21.96 1.80 21.95
N ASP B 396 22.27 1.54 23.20
CA ASP B 396 21.85 0.31 23.83
C ASP B 396 20.56 0.51 24.64
N VAL B 397 20.44 1.68 25.25
CA VAL B 397 19.30 2.01 26.11
C VAL B 397 18.70 3.35 25.61
N ALA B 398 17.37 3.35 25.40
CA ALA B 398 16.64 4.56 25.03
C ALA B 398 15.52 4.82 26.03
N LEU B 399 15.42 6.07 26.46
CA LEU B 399 14.42 6.50 27.44
C LEU B 399 13.44 7.45 26.75
N SER B 400 12.15 7.39 27.09
CA SER B 400 11.14 8.23 26.51
C SER B 400 10.34 8.83 27.66
N ASN B 401 10.29 10.15 27.72
CA ASN B 401 9.53 10.90 28.72
C ASN B 401 8.23 11.50 28.20
N SER B 402 7.23 11.58 29.09
CA SER B 402 6.01 12.31 28.77
C SER B 402 5.53 12.93 30.08
N PHE B 403 5.12 14.22 30.00
CA PHE B 403 4.62 14.96 31.13
C PHE B 403 3.29 15.59 30.72
N GLY B 404 2.40 15.76 31.67
CA GLY B 404 1.08 16.17 31.29
C GLY B 404 0.49 17.18 32.27
N PHE B 405 -0.56 17.82 31.83
CA PHE B 405 -1.39 18.63 32.73
C PHE B 405 -1.68 17.89 34.00
N GLY B 406 -1.69 18.67 35.09
CA GLY B 406 -1.74 18.15 36.46
C GLY B 406 -0.43 17.67 37.04
N GLY B 407 0.69 17.80 36.29
CA GLY B 407 2.02 17.42 36.75
C GLY B 407 2.20 15.92 36.75
N THR B 408 1.47 15.22 35.83
CA THR B 408 1.51 13.77 35.81
C THR B 408 2.65 13.36 34.86
N ASN B 409 3.56 12.56 35.34
CA ASN B 409 4.79 12.21 34.61
C ASN B 409 4.89 10.73 34.40
N GLY B 410 5.47 10.38 33.25
CA GLY B 410 5.76 9.01 32.95
C GLY B 410 7.06 8.89 32.13
N THR B 411 7.79 7.80 32.38
CA THR B 411 8.98 7.49 31.61
C THR B 411 8.98 6.02 31.26
N LEU B 412 9.38 5.69 30.03
CA LEU B 412 9.65 4.33 29.60
C LEU B 412 11.12 4.17 29.25
N VAL B 413 11.66 2.99 29.55
CA VAL B 413 13.05 2.64 29.26
C VAL B 413 13.04 1.38 28.43
N PHE B 414 13.66 1.49 27.24
CA PHE B 414 13.80 0.41 26.30
C PHE B 414 15.30 0.06 26.11
N ARG B 415 15.55 -1.23 25.83
CA ARG B 415 16.90 -1.76 25.68
C ARG B 415 16.97 -2.68 24.47
N ARG B 416 18.15 -2.69 23.81
CA ARG B 416 18.37 -3.71 22.83
C ARG B 416 18.20 -5.08 23.49
N PHE B 417 17.68 -6.01 22.71
CA PHE B 417 17.45 -7.35 23.21
C PHE B 417 18.59 -8.31 22.82
N ALA B 418 19.27 -8.93 23.82
CA ALA B 418 20.33 -9.92 23.59
C ALA B 418 20.59 -10.69 24.88
C FMT C . -15.41 -27.49 -10.40
O1 FMT C . -15.11 -27.46 -9.22
O2 FMT C . -14.50 -27.78 -11.35
H FMT C . -16.31 -27.30 -10.66
HO2 FMT C . -14.72 -27.79 -12.19
C4 XG7 D . 2.75 -5.23 -12.53
C14 XG7 D . -1.19 -11.87 -12.11
C5 XG7 D . 4.08 -4.55 -12.63
C6 XG7 D . 4.14 -3.24 -13.12
C11 XG7 D . 1.61 -8.31 -11.51
C7 XG7 D . 5.36 -2.60 -13.25
C8 XG7 D . 6.53 -3.27 -12.92
C9 XG7 D . 6.52 -4.60 -12.51
C10 XG7 D . 5.27 -5.23 -12.37
C12 XG7 D . -0.08 -10.05 -11.03
C13 XG7 D . -0.70 -10.57 -12.15
N1 XG7 D . 2.70 -6.14 -11.56
N2 XG7 D . 7.71 -5.30 -12.28
C3 XG7 D . 1.66 -6.92 -11.18
N3 XG7 D . 0.40 -8.73 -11.02
C1 XG7 D . 0.13 -5.14 -10.29
C2 XG7 D . 0.46 -6.51 -10.71
O1 XG7 D . 1.81 -5.06 -13.27
O2 XG7 D . 2.46 -9.07 -12.00
C15 XG7 D . -1.01 -12.66 -10.97
C16 XG7 D . -0.43 -12.11 -9.86
C17 XG7 D . 0.05 -10.81 -9.89
N4 XG7 D . -0.32 -7.60 -10.53
C18 XG7 D . -1.64 -7.66 -9.92
H12 XG7 D . -1.59 -12.24 -12.88
H5 XG7 D . 3.35 -2.77 -13.29
H6 XG7 D . 5.40 -1.71 -13.53
H7 XG7 D . 7.37 -2.85 -13.05
H10 XG7 D . 5.25 -6.12 -12.10
H11 XG7 D . -0.80 -10.04 -12.91
H4 XG7 D . 3.36 -6.25 -11.03
H9 XG7 D . 8.49 -4.90 -12.39
H8 XG7 D . 7.67 -6.14 -12.01
H3 XG7 D . 0.85 -4.78 -9.74
H1 XG7 D . -0.69 -5.15 -9.76
H2 XG7 D . 0.00 -4.57 -11.06
H13 XG7 D . -1.35 -13.54 -10.95
H14 XG7 D . -0.32 -12.64 -9.09
H15 XG7 D . 0.47 -10.45 -9.12
H17 XG7 D . -1.96 -8.57 -9.91
H18 XG7 D . -2.25 -7.11 -10.41
H16 XG7 D . -1.58 -7.33 -9.01
C FMT E . -8.05 8.02 -3.88
O1 FMT E . -8.76 7.07 -4.13
O2 FMT E . -8.13 9.19 -4.52
H FMT E . -7.38 7.93 -3.19
HO2 FMT E . -7.62 9.85 -4.25
C1 EDO F . 9.66 -14.71 -33.85
O1 EDO F . 10.68 -15.48 -33.26
C2 EDO F . 10.05 -13.34 -33.64
O2 EDO F . 10.87 -13.11 -34.79
H11 EDO F . 8.81 -14.89 -33.42
H12 EDO F . 9.58 -14.92 -34.81
HO1 EDO F . 10.47 -16.35 -33.28
H21 EDO F . 10.56 -13.23 -32.80
H22 EDO F . 9.27 -12.75 -33.64
HO2 EDO F . 11.68 -13.34 -34.61
C FMT G . 19.47 23.83 33.13
O1 FMT G . 20.50 24.40 32.86
O2 FMT G . 18.27 24.32 32.80
H FMT G . 19.50 23.00 33.61
HO2 FMT G . 17.53 23.88 33.01
C FMT H . -7.86 31.71 19.93
O1 FMT H . -8.43 31.44 20.96
O2 FMT H . -7.88 30.91 18.85
H FMT H . -7.39 32.54 19.87
HO2 FMT H . -7.52 31.15 18.09
C FMT I . 19.38 4.75 40.31
O1 FMT I . 20.38 4.48 39.65
O2 FMT I . 18.74 5.91 40.18
H FMT I . 19.04 4.11 40.92
HO2 FMT I . 18.03 6.13 40.48
C4 XG7 J . 2.56 19.07 28.41
C14 XG7 J . -4.14 15.96 26.09
C5 XG7 J . 3.58 19.35 29.47
C6 XG7 J . 4.93 19.68 29.21
C11 XG7 J . -0.79 18.30 28.08
C7 XG7 J . 5.82 19.83 30.27
C8 XG7 J . 5.44 19.58 31.59
C9 XG7 J . 4.14 19.17 31.88
C10 XG7 J . 3.22 19.07 30.81
C12 XG7 J . -2.94 17.82 26.96
C13 XG7 J . -2.94 16.64 26.23
N1 XG7 J . 1.30 19.42 28.70
N2 XG7 J . 3.74 18.92 33.21
C3 XG7 J . 0.19 19.32 27.89
N3 XG7 J . -1.73 18.57 27.15
C1 XG7 J . 0.67 21.20 26.26
C2 XG7 J . -0.06 20.01 26.78
O1 XG7 J . 2.74 18.38 27.40
O2 XG7 J . -0.92 17.42 28.96
C15 XG7 J . -5.32 16.46 26.60
C16 XG7 J . -5.30 17.63 27.30
C17 XG7 J . -4.10 18.32 27.50
N4 XG7 J . -1.29 19.64 26.35
C18 XG7 J . -1.99 20.12 25.18
H12 XG7 J . -4.15 15.15 25.58
H5 XG7 J . 5.21 19.86 28.33
H6 XG7 J . 6.71 20.10 30.10
H7 XG7 J . 6.06 19.68 32.29
H10 XG7 J . 2.37 18.78 31.01
H11 XG7 J . -2.14 16.30 25.87
H4 XG7 J . 1.13 19.82 29.43
H9 XG7 J . 4.31 19.01 33.87
H8 XG7 J . 2.91 18.66 33.38
H3 XG7 J . 1.19 21.59 26.99
H1 XG7 J . 0.04 21.85 25.94
H2 XG7 J . 1.27 20.93 25.54
H13 XG7 J . -6.14 15.99 26.50
H14 XG7 J . -6.10 17.97 27.68
H15 XG7 J . -4.09 19.13 27.98
H17 XG7 J . -2.82 19.62 25.05
H18 XG7 J . -1.43 20.01 24.41
H16 XG7 J . -2.19 21.06 25.28
C FMT K . 26.77 12.00 9.47
O1 FMT K . 26.17 10.95 9.59
O2 FMT K . 26.51 12.83 8.45
H FMT K . 27.43 12.23 10.10
HO2 FMT K . 26.93 13.57 8.42
S DMS L . 8.42 -3.98 33.46
O DMS L . 7.53 -4.59 32.48
C1 DMS L . 9.01 -2.51 32.69
C2 DMS L . 9.89 -4.95 33.32
H11 DMS L . 9.54 -2.01 33.32
H12 DMS L . 8.26 -1.97 32.40
H13 DMS L . 9.55 -2.74 31.93
H21 DMS L . 10.19 -4.95 32.40
H22 DMS L . 9.71 -5.86 33.60
H23 DMS L . 10.58 -4.57 33.89
#